data_1A0O
#
_entry.id   1A0O
#
_cell.length_a   53.900
_cell.length_b   156.970
_cell.length_c   65.970
_cell.angle_alpha   90.00
_cell.angle_beta   91.70
_cell.angle_gamma   90.00
#
_symmetry.space_group_name_H-M   'P 1 21 1'
#
loop_
_entity.id
_entity.type
_entity.pdbx_description
1 polymer CHEY
2 polymer CHEA
3 non-polymer 'MANGANESE (II) ION'
#
loop_
_entity_poly.entity_id
_entity_poly.type
_entity_poly.pdbx_seq_one_letter_code
_entity_poly.pdbx_strand_id
1 'polypeptide(L)'
;ADKELKFLVVDDFSTMRRIVRNLLKELGFNNVEEAEDGVDALNKLQAGGYGFVISDWNMPNMDGLELLKTIRADGAMSAL
PVLMVTAEAKKENIIAAAQAGASGYVVKPFTAATLEEKLNKIFEKLGM
;
A,C,E,G
2 'polypeptide(L)'
;RQLALEAKGETPSAVTRLSVVAKSEPQDEQSRSQSPRRIILSRLKAGEVDLLEEELGHLTTLTDVVKGADSLSAILPGDI
AEDDITAVLCFVIEADQITFETVEVSPKISTPPVLKLAAEQAPTGRVEREKTTR
;
B,D,F,H
#
loop_
_chem_comp.id
_chem_comp.type
_chem_comp.name
_chem_comp.formula
MN non-polymer 'MANGANESE (II) ION' 'Mn 2'
#
# COMPACT_ATOMS: atom_id res chain seq x y z
N ALA A 1 -45.77 -21.37 33.80
CA ALA A 1 -46.88 -22.29 34.12
C ALA A 1 -47.67 -21.84 35.34
N ASP A 2 -48.86 -21.29 35.11
CA ASP A 2 -49.74 -20.84 36.19
C ASP A 2 -50.47 -22.10 36.69
N LYS A 3 -50.24 -22.48 37.94
CA LYS A 3 -50.86 -23.68 38.51
C LYS A 3 -52.39 -23.67 38.51
N GLU A 4 -52.97 -22.58 38.00
CA GLU A 4 -54.41 -22.41 37.92
C GLU A 4 -54.86 -22.44 36.46
N LEU A 5 -54.06 -23.06 35.61
CA LEU A 5 -54.38 -23.19 34.19
C LEU A 5 -55.56 -24.15 34.09
N LYS A 6 -56.60 -23.70 33.41
CA LYS A 6 -57.81 -24.47 33.23
C LYS A 6 -57.63 -25.53 32.15
N PHE A 7 -57.46 -26.78 32.59
CA PHE A 7 -57.31 -27.89 31.66
C PHE A 7 -58.66 -28.46 31.29
N LEU A 8 -58.71 -29.07 30.11
CA LEU A 8 -59.91 -29.74 29.66
C LEU A 8 -59.36 -31.08 29.19
N VAL A 9 -59.75 -32.14 29.88
CA VAL A 9 -59.30 -33.48 29.54
C VAL A 9 -60.40 -34.19 28.79
N VAL A 10 -60.18 -34.47 27.51
CA VAL A 10 -61.18 -35.11 26.69
C VAL A 10 -60.88 -36.60 26.48
N ASP A 11 -61.87 -37.43 26.77
CA ASP A 11 -61.75 -38.89 26.61
C ASP A 11 -63.13 -39.51 26.83
N ASP A 12 -63.43 -40.54 26.06
CA ASP A 12 -64.70 -41.23 26.18
C ASP A 12 -64.67 -42.29 27.28
N PHE A 13 -63.48 -42.61 27.78
CA PHE A 13 -63.34 -43.59 28.84
C PHE A 13 -63.16 -42.78 30.13
N SER A 14 -64.17 -42.79 30.99
CA SER A 14 -64.09 -42.04 32.24
C SER A 14 -62.82 -42.32 33.03
N THR A 15 -62.49 -43.60 33.18
CA THR A 15 -61.31 -43.99 33.93
C THR A 15 -60.03 -43.34 33.38
N MET A 16 -59.94 -43.14 32.08
CA MET A 16 -58.74 -42.51 31.56
C MET A 16 -58.72 -41.04 31.97
N ARG A 17 -59.89 -40.43 32.03
CA ARG A 17 -59.98 -39.03 32.43
C ARG A 17 -59.68 -38.87 33.90
N ARG A 18 -60.04 -39.88 34.70
CA ARG A 18 -59.77 -39.84 36.15
C ARG A 18 -58.26 -39.92 36.38
N ILE A 19 -57.62 -40.85 35.69
CA ILE A 19 -56.18 -41.04 35.79
C ILE A 19 -55.47 -39.71 35.46
N VAL A 20 -55.81 -39.15 34.30
CA VAL A 20 -55.20 -37.89 33.86
C VAL A 20 -55.42 -36.77 34.87
N ARG A 21 -56.64 -36.68 35.40
CA ARG A 21 -56.95 -35.66 36.38
C ARG A 21 -55.99 -35.78 37.56
N ASN A 22 -55.68 -37.03 37.95
CA ASN A 22 -54.78 -37.28 39.06
C ASN A 22 -53.35 -36.92 38.74
N LEU A 23 -52.87 -37.35 37.58
CA LEU A 23 -51.51 -37.05 37.17
C LEU A 23 -51.33 -35.53 37.23
N LEU A 24 -52.30 -34.79 36.69
CA LEU A 24 -52.22 -33.33 36.71
C LEU A 24 -52.20 -32.83 38.16
N LYS A 25 -53.09 -33.34 38.99
CA LYS A 25 -53.16 -32.94 40.39
C LYS A 25 -51.82 -33.18 41.06
N GLU A 26 -51.17 -34.27 40.68
CA GLU A 26 -49.88 -34.63 41.24
C GLU A 26 -48.83 -33.59 40.84
N LEU A 27 -48.94 -33.10 39.61
CA LEU A 27 -48.01 -32.10 39.11
C LEU A 27 -48.46 -30.70 39.52
N GLY A 28 -49.48 -30.62 40.38
CA GLY A 28 -49.94 -29.33 40.86
C GLY A 28 -51.03 -28.58 40.11
N PHE A 29 -51.61 -29.17 39.07
CA PHE A 29 -52.67 -28.50 38.33
C PHE A 29 -53.99 -29.03 38.83
N ASN A 30 -54.75 -28.18 39.52
CA ASN A 30 -56.02 -28.60 40.06
C ASN A 30 -57.24 -28.09 39.31
N ASN A 31 -57.04 -27.25 38.31
CA ASN A 31 -58.18 -26.76 37.52
C ASN A 31 -58.31 -27.65 36.30
N VAL A 32 -59.05 -28.73 36.49
CA VAL A 32 -59.26 -29.72 35.44
C VAL A 32 -60.75 -29.98 35.25
N GLU A 33 -61.20 -29.84 34.01
CA GLU A 33 -62.59 -30.07 33.65
C GLU A 33 -62.59 -31.17 32.58
N GLU A 34 -63.62 -32.02 32.57
CA GLU A 34 -63.69 -33.13 31.62
C GLU A 34 -64.72 -32.99 30.51
N ALA A 35 -64.55 -33.80 29.46
CA ALA A 35 -65.47 -33.85 28.32
C ALA A 35 -65.41 -35.27 27.77
N GLU A 36 -66.54 -35.82 27.31
CA GLU A 36 -66.57 -37.19 26.79
C GLU A 36 -66.36 -37.42 25.28
N ASP A 37 -66.13 -36.35 24.54
CA ASP A 37 -65.86 -36.42 23.10
C ASP A 37 -65.64 -35.03 22.54
N GLY A 38 -65.34 -34.96 21.24
CA GLY A 38 -65.11 -33.68 20.61
C GLY A 38 -66.24 -32.68 20.72
N VAL A 39 -67.46 -33.16 20.50
CA VAL A 39 -68.64 -32.32 20.56
C VAL A 39 -68.90 -31.79 21.98
N ASP A 40 -68.72 -32.65 22.97
CA ASP A 40 -68.90 -32.23 24.35
C ASP A 40 -67.80 -31.20 24.64
N ALA A 41 -66.56 -31.56 24.30
CA ALA A 41 -65.41 -30.68 24.52
C ALA A 41 -65.63 -29.30 23.92
N LEU A 42 -66.07 -29.26 22.66
CA LEU A 42 -66.32 -27.99 21.99
C LEU A 42 -67.38 -27.17 22.73
N ASN A 43 -68.45 -27.83 23.17
CA ASN A 43 -69.51 -27.15 23.91
C ASN A 43 -68.99 -26.54 25.21
N LYS A 44 -68.13 -27.26 25.91
CA LYS A 44 -67.58 -26.74 27.16
C LYS A 44 -66.59 -25.58 26.93
N LEU A 45 -65.80 -25.70 25.87
CA LEU A 45 -64.83 -24.67 25.54
C LEU A 45 -65.47 -23.35 25.20
N GLN A 46 -66.72 -23.40 24.72
CA GLN A 46 -67.50 -22.21 24.33
C GLN A 46 -67.59 -21.19 25.46
N ALA A 47 -67.61 -21.69 26.69
CA ALA A 47 -67.69 -20.85 27.88
C ALA A 47 -66.38 -20.11 28.13
N GLY A 48 -65.32 -20.49 27.41
CA GLY A 48 -64.02 -19.86 27.58
C GLY A 48 -63.41 -20.17 28.93
N GLY A 49 -62.27 -19.55 29.22
CA GLY A 49 -61.63 -19.76 30.50
C GLY A 49 -60.60 -20.87 30.56
N TYR A 50 -60.45 -21.63 29.48
CA TYR A 50 -59.49 -22.73 29.42
C TYR A 50 -58.15 -22.27 28.88
N GLY A 51 -57.10 -23.03 29.17
CA GLY A 51 -55.78 -22.67 28.69
C GLY A 51 -54.97 -23.84 28.20
N PHE A 52 -55.58 -25.02 28.20
CA PHE A 52 -54.89 -26.23 27.74
C PHE A 52 -55.92 -27.33 27.56
N VAL A 53 -55.73 -28.15 26.53
CA VAL A 53 -56.62 -29.25 26.23
C VAL A 53 -55.82 -30.52 26.01
N ILE A 54 -56.09 -31.55 26.79
CA ILE A 54 -55.44 -32.84 26.62
C ILE A 54 -56.56 -33.63 25.97
N SER A 55 -56.32 -34.22 24.82
CA SER A 55 -57.39 -34.94 24.15
C SER A 55 -57.04 -36.30 23.61
N ASP A 56 -57.92 -37.25 23.86
CA ASP A 56 -57.71 -38.61 23.38
C ASP A 56 -57.97 -38.67 21.87
N TRP A 57 -57.46 -39.72 21.23
CA TRP A 57 -57.58 -39.91 19.78
C TRP A 57 -58.96 -40.26 19.24
N ASN A 58 -59.35 -41.54 19.34
CA ASN A 58 -60.66 -41.96 18.84
C ASN A 58 -61.78 -41.83 19.86
N MET A 59 -62.85 -41.15 19.45
CA MET A 59 -64.01 -40.93 20.30
C MET A 59 -65.21 -40.84 19.40
N PRO A 60 -66.39 -41.21 19.92
CA PRO A 60 -67.63 -41.15 19.13
C PRO A 60 -68.02 -39.70 18.92
N ASN A 61 -68.93 -39.45 17.98
CA ASN A 61 -69.42 -38.10 17.66
C ASN A 61 -68.36 -37.25 16.96
N MET A 62 -67.28 -36.92 17.66
CA MET A 62 -66.19 -36.14 17.08
C MET A 62 -64.88 -36.63 17.66
N ASP A 63 -64.00 -37.17 16.81
CA ASP A 63 -62.71 -37.68 17.26
C ASP A 63 -61.69 -36.57 17.54
N GLY A 64 -60.64 -36.93 18.28
CA GLY A 64 -59.61 -35.98 18.65
C GLY A 64 -59.07 -35.14 17.51
N LEU A 65 -58.75 -35.80 16.41
CA LEU A 65 -58.19 -35.10 15.27
C LEU A 65 -59.13 -34.00 14.76
N GLU A 66 -60.42 -34.31 14.72
CA GLU A 66 -61.40 -33.32 14.28
C GLU A 66 -61.51 -32.18 15.28
N LEU A 67 -61.45 -32.53 16.58
CA LEU A 67 -61.52 -31.52 17.65
C LEU A 67 -60.33 -30.55 17.50
N LEU A 68 -59.18 -31.11 17.14
CA LEU A 68 -57.97 -30.31 16.95
C LEU A 68 -58.19 -29.36 15.78
N LYS A 69 -58.60 -29.92 14.65
CA LYS A 69 -58.85 -29.13 13.47
C LYS A 69 -59.86 -28.02 13.75
N THR A 70 -60.97 -28.38 14.40
CA THR A 70 -62.00 -27.41 14.70
C THR A 70 -61.48 -26.29 15.60
N ILE A 71 -60.68 -26.66 16.60
CA ILE A 71 -60.10 -25.68 17.52
C ILE A 71 -59.17 -24.75 16.74
N ARG A 72 -58.36 -25.34 15.87
CA ARG A 72 -57.41 -24.57 15.09
C ARG A 72 -58.10 -23.60 14.13
N ALA A 73 -59.28 -23.98 13.67
CA ALA A 73 -60.05 -23.15 12.74
C ALA A 73 -60.95 -22.12 13.40
N ASP A 74 -61.09 -22.18 14.73
CA ASP A 74 -61.94 -21.23 15.42
C ASP A 74 -61.18 -20.02 15.92
N GLY A 75 -61.71 -18.84 15.63
CA GLY A 75 -61.07 -17.59 16.05
C GLY A 75 -60.51 -17.55 17.45
N ALA A 76 -61.38 -17.47 18.45
CA ALA A 76 -60.97 -17.38 19.86
C ALA A 76 -60.12 -18.55 20.38
N MET A 77 -60.36 -19.73 19.85
CA MET A 77 -59.65 -20.92 20.31
C MET A 77 -58.36 -21.28 19.60
N SER A 78 -58.22 -20.87 18.35
CA SER A 78 -57.05 -21.21 17.54
C SER A 78 -55.69 -21.33 18.25
N ALA A 79 -55.44 -20.47 19.22
CA ALA A 79 -54.16 -20.48 19.93
C ALA A 79 -54.22 -21.24 21.26
N LEU A 80 -54.93 -22.36 21.28
CA LEU A 80 -55.07 -23.12 22.50
C LEU A 80 -54.24 -24.38 22.38
N PRO A 81 -53.31 -24.60 23.33
CA PRO A 81 -52.47 -25.80 23.29
C PRO A 81 -53.30 -27.07 23.40
N VAL A 82 -53.06 -28.01 22.48
CA VAL A 82 -53.76 -29.27 22.45
C VAL A 82 -52.73 -30.38 22.47
N LEU A 83 -52.79 -31.21 23.50
CA LEU A 83 -51.87 -32.35 23.62
C LEU A 83 -52.67 -33.57 23.17
N MET A 84 -52.25 -34.21 22.09
CA MET A 84 -52.96 -35.38 21.59
C MET A 84 -52.51 -36.67 22.24
N VAL A 85 -53.45 -37.45 22.73
CA VAL A 85 -53.14 -38.72 23.36
C VAL A 85 -53.50 -39.87 22.41
N THR A 86 -52.48 -40.57 21.94
CA THR A 86 -52.69 -41.69 21.04
C THR A 86 -52.37 -42.98 21.78
N ALA A 87 -52.88 -44.11 21.27
CA ALA A 87 -52.63 -45.39 21.92
C ALA A 87 -51.44 -46.11 21.31
N GLU A 88 -51.16 -45.78 20.06
CA GLU A 88 -50.06 -46.39 19.33
C GLU A 88 -49.17 -45.27 18.80
N ALA A 89 -47.85 -45.48 18.86
CA ALA A 89 -46.90 -44.49 18.38
C ALA A 89 -46.63 -44.62 16.87
N LYS A 90 -47.71 -44.84 16.09
CA LYS A 90 -47.59 -44.98 14.65
C LYS A 90 -47.45 -43.64 13.92
N LYS A 91 -46.50 -43.59 13.01
CA LYS A 91 -46.21 -42.39 12.26
C LYS A 91 -47.38 -41.69 11.62
N GLU A 92 -48.32 -42.44 11.03
CA GLU A 92 -49.47 -41.80 10.38
C GLU A 92 -50.26 -40.95 11.36
N ASN A 93 -50.41 -41.45 12.59
CA ASN A 93 -51.10 -40.69 13.62
C ASN A 93 -50.25 -39.47 13.94
N ILE A 94 -49.03 -39.74 14.40
CA ILE A 94 -48.07 -38.69 14.76
C ILE A 94 -47.93 -37.57 13.72
N ILE A 95 -47.92 -37.92 12.44
CA ILE A 95 -47.78 -36.93 11.38
C ILE A 95 -49.06 -36.14 11.20
N ALA A 96 -50.19 -36.83 11.24
CA ALA A 96 -51.48 -36.18 11.07
C ALA A 96 -51.71 -35.16 12.19
N ALA A 97 -51.27 -35.53 13.40
CA ALA A 97 -51.41 -34.66 14.57
C ALA A 97 -50.56 -33.42 14.43
N ALA A 98 -49.38 -33.56 13.84
CA ALA A 98 -48.48 -32.44 13.63
C ALA A 98 -49.03 -31.56 12.52
N GLN A 99 -49.42 -32.17 11.40
CA GLN A 99 -50.00 -31.41 10.29
C GLN A 99 -51.22 -30.62 10.73
N ALA A 100 -52.01 -31.22 11.62
CA ALA A 100 -53.22 -30.59 12.13
C ALA A 100 -52.95 -29.43 13.08
N GLY A 101 -51.74 -29.34 13.62
CA GLY A 101 -51.41 -28.25 14.53
C GLY A 101 -51.44 -28.59 16.02
N ALA A 102 -51.14 -29.85 16.37
CA ALA A 102 -51.12 -30.25 17.77
C ALA A 102 -49.89 -29.72 18.45
N SER A 103 -49.97 -29.46 19.75
CA SER A 103 -48.84 -28.96 20.49
C SER A 103 -47.90 -30.09 20.92
N GLY A 104 -48.33 -31.33 20.68
CA GLY A 104 -47.51 -32.47 21.05
C GLY A 104 -48.38 -33.70 20.99
N TYR A 105 -47.88 -34.79 21.52
CA TYR A 105 -48.62 -36.04 21.55
C TYR A 105 -47.95 -36.87 22.62
N VAL A 106 -48.70 -37.78 23.21
CA VAL A 106 -48.17 -38.64 24.25
C VAL A 106 -48.91 -39.94 24.08
N VAL A 107 -48.20 -41.06 24.22
CA VAL A 107 -48.81 -42.37 24.06
C VAL A 107 -49.23 -42.87 25.41
N LYS A 108 -50.44 -43.42 25.49
CA LYS A 108 -50.94 -43.95 26.74
C LYS A 108 -50.71 -45.44 26.79
N PRO A 109 -50.54 -46.01 27.99
CA PRO A 109 -50.56 -45.29 29.27
C PRO A 109 -49.25 -44.54 29.49
N PHE A 110 -49.31 -43.42 30.18
CA PHE A 110 -48.11 -42.64 30.42
C PHE A 110 -47.99 -42.29 31.89
N THR A 111 -46.76 -42.08 32.34
CA THR A 111 -46.54 -41.75 33.73
C THR A 111 -46.66 -40.26 33.96
N ALA A 112 -46.62 -39.88 35.23
CA ALA A 112 -46.69 -38.49 35.63
C ALA A 112 -45.49 -37.75 35.06
N ALA A 113 -44.34 -38.44 35.09
CA ALA A 113 -43.08 -37.89 34.57
C ALA A 113 -43.22 -37.58 33.09
N THR A 114 -43.59 -38.59 32.30
CA THR A 114 -43.78 -38.42 30.86
C THR A 114 -44.71 -37.25 30.61
N LEU A 115 -45.84 -37.22 31.32
CA LEU A 115 -46.80 -36.14 31.17
C LEU A 115 -46.08 -34.82 31.41
N GLU A 116 -45.45 -34.72 32.56
CA GLU A 116 -44.73 -33.51 32.96
C GLU A 116 -43.68 -33.06 31.94
N GLU A 117 -43.02 -34.01 31.29
CA GLU A 117 -42.03 -33.64 30.29
C GLU A 117 -42.76 -32.97 29.14
N LYS A 118 -43.75 -33.66 28.59
CA LYS A 118 -44.54 -33.15 27.48
C LYS A 118 -45.09 -31.76 27.77
N LEU A 119 -45.64 -31.59 28.96
CA LEU A 119 -46.21 -30.31 29.37
C LEU A 119 -45.14 -29.22 29.44
N ASN A 120 -44.01 -29.53 30.09
CA ASN A 120 -42.92 -28.58 30.23
C ASN A 120 -42.46 -28.08 28.88
N LYS A 121 -42.28 -28.98 27.92
CA LYS A 121 -41.85 -28.58 26.58
C LYS A 121 -42.87 -27.67 25.89
N ILE A 122 -44.16 -28.00 26.01
CA ILE A 122 -45.18 -27.20 25.38
C ILE A 122 -45.22 -25.81 26.03
N PHE A 123 -45.05 -25.75 27.35
CA PHE A 123 -45.02 -24.46 28.05
C PHE A 123 -43.82 -23.68 27.58
N GLU A 124 -42.71 -24.39 27.35
CA GLU A 124 -41.47 -23.78 26.90
C GLU A 124 -41.65 -23.11 25.55
N LYS A 125 -42.23 -23.81 24.58
CA LYS A 125 -42.44 -23.24 23.25
C LYS A 125 -43.46 -22.09 23.22
N LEU A 126 -44.03 -21.74 24.37
CA LEU A 126 -44.99 -20.66 24.43
C LEU A 126 -44.60 -19.71 25.54
N GLY A 127 -43.47 -19.97 26.20
CA GLY A 127 -43.00 -19.15 27.30
C GLY A 127 -44.07 -18.83 28.32
N MET A 128 -44.92 -19.81 28.63
CA MET A 128 -46.00 -19.60 29.58
C MET A 128 -45.83 -20.32 30.92
N PRO B 36 -30.55 -39.99 -2.19
CA PRO B 36 -30.88 -40.12 -0.75
C PRO B 36 -30.85 -38.70 -0.16
N ARG B 37 -31.24 -38.57 1.10
CA ARG B 37 -31.26 -37.28 1.79
C ARG B 37 -30.54 -37.38 3.12
N ARG B 38 -30.18 -36.22 3.68
CA ARG B 38 -29.49 -36.14 4.95
C ARG B 38 -30.12 -35.02 5.79
N ILE B 39 -30.31 -35.30 7.07
CA ILE B 39 -30.91 -34.33 7.97
C ILE B 39 -29.87 -33.84 8.96
N ILE B 40 -29.89 -32.54 9.22
CA ILE B 40 -28.95 -31.91 10.14
C ILE B 40 -29.73 -31.03 11.10
N LEU B 41 -29.67 -31.39 12.38
CA LEU B 41 -30.33 -30.65 13.45
C LEU B 41 -29.24 -29.95 14.23
N SER B 42 -29.39 -28.64 14.39
CA SER B 42 -28.39 -27.84 15.09
C SER B 42 -28.95 -27.23 16.37
N ARG B 43 -28.05 -26.69 17.20
CA ARG B 43 -28.41 -26.03 18.45
C ARG B 43 -29.34 -26.80 19.39
N LEU B 44 -29.22 -28.12 19.41
CA LEU B 44 -30.07 -28.95 20.28
C LEU B 44 -29.63 -28.81 21.73
N LYS B 45 -30.58 -28.91 22.65
CA LYS B 45 -30.26 -28.83 24.08
C LYS B 45 -29.66 -30.16 24.55
N ALA B 46 -29.28 -30.23 25.82
CA ALA B 46 -28.71 -31.44 26.38
C ALA B 46 -29.74 -32.56 26.34
N GLY B 47 -29.36 -33.71 25.82
CA GLY B 47 -30.28 -34.83 25.72
C GLY B 47 -31.28 -34.69 24.59
N GLU B 48 -31.53 -33.45 24.16
CA GLU B 48 -32.46 -33.15 23.09
C GLU B 48 -32.04 -33.88 21.81
N VAL B 49 -30.76 -34.23 21.71
CA VAL B 49 -30.24 -34.96 20.55
C VAL B 49 -30.79 -36.39 20.56
N ASP B 50 -30.59 -37.10 21.66
CA ASP B 50 -31.10 -38.48 21.80
C ASP B 50 -32.61 -38.53 21.54
N LEU B 51 -33.32 -37.62 22.19
CA LEU B 51 -34.77 -37.54 22.06
C LEU B 51 -35.20 -37.51 20.60
N LEU B 52 -34.60 -36.63 19.82
CA LEU B 52 -34.93 -36.48 18.42
C LEU B 52 -34.53 -37.70 17.59
N GLU B 53 -33.56 -38.46 18.08
CA GLU B 53 -33.15 -39.65 17.35
C GLU B 53 -34.30 -40.65 17.42
N GLU B 54 -34.76 -40.94 18.63
CA GLU B 54 -35.86 -41.88 18.79
C GLU B 54 -37.10 -41.36 18.09
N GLU B 55 -37.27 -40.04 18.12
CA GLU B 55 -38.41 -39.42 17.45
C GLU B 55 -38.34 -39.73 15.98
N LEU B 56 -37.15 -39.63 15.40
CA LEU B 56 -36.96 -39.93 13.99
C LEU B 56 -37.12 -41.43 13.74
N GLY B 57 -36.85 -42.24 14.77
CA GLY B 57 -36.97 -43.68 14.65
C GLY B 57 -38.40 -44.18 14.49
N HIS B 58 -39.37 -43.28 14.66
CA HIS B 58 -40.77 -43.64 14.52
C HIS B 58 -41.26 -43.37 13.11
N LEU B 59 -40.65 -42.41 12.43
CA LEU B 59 -41.07 -42.04 11.09
C LEU B 59 -40.34 -42.78 9.98
N THR B 60 -39.06 -43.05 10.20
CA THR B 60 -38.23 -43.71 9.21
C THR B 60 -37.02 -44.33 9.90
N THR B 61 -36.09 -44.81 9.09
CA THR B 61 -34.88 -45.42 9.61
C THR B 61 -33.67 -44.57 9.26
N LEU B 62 -32.85 -44.29 10.28
CA LEU B 62 -31.66 -43.48 10.12
C LEU B 62 -30.43 -44.37 9.90
N THR B 63 -29.52 -43.93 9.04
CA THR B 63 -28.31 -44.70 8.75
C THR B 63 -27.03 -44.15 9.38
N ASP B 64 -26.55 -43.05 8.81
CA ASP B 64 -25.32 -42.41 9.26
C ASP B 64 -25.60 -41.45 10.41
N VAL B 65 -25.80 -42.01 11.60
CA VAL B 65 -26.10 -41.21 12.78
C VAL B 65 -24.87 -40.64 13.47
N VAL B 66 -24.79 -39.31 13.49
CA VAL B 66 -23.68 -38.61 14.15
C VAL B 66 -24.32 -37.82 15.28
N LYS B 67 -23.83 -38.03 16.49
CA LYS B 67 -24.35 -37.33 17.64
C LYS B 67 -23.36 -36.34 18.21
N GLY B 68 -23.55 -35.08 17.86
CA GLY B 68 -22.67 -34.04 18.39
C GLY B 68 -23.26 -33.66 19.75
N ALA B 69 -22.53 -32.88 20.52
CA ALA B 69 -23.03 -32.47 21.83
C ALA B 69 -24.24 -31.55 21.73
N ASP B 70 -24.48 -30.99 20.54
CA ASP B 70 -25.61 -30.09 20.35
C ASP B 70 -26.11 -30.18 18.91
N SER B 71 -25.80 -31.29 18.27
CA SER B 71 -26.18 -31.50 16.88
C SER B 71 -26.50 -32.96 16.64
N LEU B 72 -27.17 -33.21 15.52
CA LEU B 72 -27.53 -34.56 15.12
C LEU B 72 -27.67 -34.54 13.61
N SER B 73 -27.12 -35.55 12.96
CA SER B 73 -27.23 -35.64 11.52
C SER B 73 -27.43 -37.11 11.18
N ALA B 74 -28.20 -37.38 10.15
CA ALA B 74 -28.42 -38.76 9.75
C ALA B 74 -28.88 -38.82 8.30
N ILE B 75 -28.79 -40.00 7.72
CA ILE B 75 -29.21 -40.19 6.35
C ILE B 75 -30.59 -40.82 6.38
N LEU B 76 -31.48 -40.27 5.55
CA LEU B 76 -32.84 -40.74 5.50
C LEU B 76 -33.23 -41.12 4.08
N PRO B 77 -33.87 -42.29 3.92
CA PRO B 77 -34.30 -42.77 2.61
C PRO B 77 -35.46 -41.91 2.12
N GLY B 78 -36.00 -42.24 0.95
CA GLY B 78 -37.12 -41.47 0.42
C GLY B 78 -38.48 -41.85 1.00
N ASP B 79 -38.62 -41.76 2.31
CA ASP B 79 -39.88 -42.08 2.98
C ASP B 79 -40.73 -40.82 3.18
N ILE B 80 -40.90 -40.42 4.44
CA ILE B 80 -41.69 -39.25 4.78
C ILE B 80 -41.17 -37.97 4.13
N ALA B 81 -42.08 -37.21 3.53
CA ALA B 81 -41.75 -35.95 2.88
C ALA B 81 -41.17 -34.99 3.92
N GLU B 82 -40.22 -34.18 3.50
CA GLU B 82 -39.57 -33.23 4.40
C GLU B 82 -40.50 -32.46 5.32
N ASP B 83 -41.65 -32.02 4.79
CA ASP B 83 -42.60 -31.26 5.61
C ASP B 83 -43.07 -32.03 6.83
N ASP B 84 -43.39 -33.30 6.64
CA ASP B 84 -43.86 -34.16 7.71
C ASP B 84 -42.80 -34.30 8.80
N ILE B 85 -41.55 -34.57 8.39
CA ILE B 85 -40.45 -34.70 9.33
C ILE B 85 -40.34 -33.40 10.13
N THR B 86 -40.42 -32.28 9.43
CA THR B 86 -40.31 -30.97 10.05
C THR B 86 -41.48 -30.68 11.01
N ALA B 87 -42.68 -31.06 10.58
CA ALA B 87 -43.88 -30.84 11.37
C ALA B 87 -43.78 -31.54 12.72
N VAL B 88 -43.37 -32.80 12.71
CA VAL B 88 -43.23 -33.55 13.95
C VAL B 88 -42.05 -33.09 14.77
N LEU B 89 -40.92 -32.81 14.13
CA LEU B 89 -39.75 -32.36 14.87
C LEU B 89 -40.02 -31.03 15.58
N CYS B 90 -40.91 -30.23 15.00
CA CYS B 90 -41.26 -28.95 15.61
C CYS B 90 -42.03 -29.10 16.92
N PHE B 91 -42.36 -30.32 17.29
CA PHE B 91 -43.03 -30.54 18.56
C PHE B 91 -41.98 -30.21 19.63
N VAL B 92 -40.70 -30.20 19.24
CA VAL B 92 -39.61 -29.91 20.19
C VAL B 92 -38.74 -28.72 19.79
N ILE B 93 -38.16 -28.81 18.59
CA ILE B 93 -37.27 -27.77 18.09
C ILE B 93 -37.98 -26.83 17.12
N GLU B 94 -37.32 -25.73 16.76
CA GLU B 94 -37.92 -24.79 15.82
C GLU B 94 -37.51 -25.17 14.41
N ALA B 95 -38.27 -24.73 13.41
CA ALA B 95 -37.94 -25.05 12.01
C ALA B 95 -36.55 -24.57 11.61
N ASP B 96 -36.09 -23.47 12.19
CA ASP B 96 -34.78 -22.93 11.87
C ASP B 96 -33.62 -23.84 12.29
N GLN B 97 -33.92 -24.86 13.10
CA GLN B 97 -32.89 -25.78 13.57
C GLN B 97 -32.77 -27.01 12.67
N ILE B 98 -33.69 -27.16 11.73
CA ILE B 98 -33.69 -28.30 10.83
C ILE B 98 -33.18 -27.89 9.46
N THR B 99 -32.44 -28.78 8.82
CA THR B 99 -31.90 -28.54 7.49
C THR B 99 -31.68 -29.87 6.79
N PHE B 100 -32.08 -29.94 5.53
CA PHE B 100 -31.92 -31.16 4.75
C PHE B 100 -30.84 -30.91 3.70
N GLU B 101 -30.19 -31.97 3.27
CA GLU B 101 -29.11 -31.86 2.30
C GLU B 101 -29.03 -33.15 1.48
N THR B 102 -28.72 -33.02 0.19
CA THR B 102 -28.62 -34.19 -0.68
C THR B 102 -27.25 -34.82 -0.51
N VAL B 103 -27.12 -36.04 -1.00
CA VAL B 103 -25.86 -36.77 -0.92
C VAL B 103 -25.84 -37.77 -2.07
N GLU B 104 -24.72 -37.84 -2.79
CA GLU B 104 -24.56 -38.74 -3.92
C GLU B 104 -23.93 -40.07 -3.53
N VAL B 105 -24.19 -41.11 -4.31
CA VAL B 105 -23.64 -42.44 -4.06
C VAL B 105 -22.28 -42.63 -4.72
N ALA C 1 15.51 11.09 17.46
CA ALA C 1 15.18 9.73 17.98
C ALA C 1 14.00 9.10 17.27
N ASP C 2 13.77 7.83 17.59
CA ASP C 2 12.69 7.03 17.02
C ASP C 2 11.32 7.54 17.47
N LYS C 3 10.43 7.76 16.51
CA LYS C 3 9.09 8.24 16.80
C LYS C 3 8.21 7.22 17.51
N GLU C 4 8.72 6.00 17.65
CA GLU C 4 7.98 4.94 18.34
C GLU C 4 8.54 4.64 19.74
N LEU C 5 9.49 5.47 20.16
CA LEU C 5 10.11 5.35 21.46
C LEU C 5 9.02 5.39 22.55
N LYS C 6 8.96 4.38 23.42
CA LYS C 6 7.94 4.33 24.47
C LYS C 6 8.29 5.20 25.66
N PHE C 7 7.35 6.08 26.00
CA PHE C 7 7.53 7.01 27.13
C PHE C 7 6.62 6.55 28.27
N LEU C 8 6.98 6.92 29.49
CA LEU C 8 6.14 6.61 30.65
C LEU C 8 5.96 7.94 31.38
N VAL C 9 4.74 8.46 31.35
CA VAL C 9 4.42 9.72 32.00
C VAL C 9 3.92 9.41 33.40
N VAL C 10 4.62 9.89 34.41
CA VAL C 10 4.21 9.63 35.78
C VAL C 10 3.77 10.90 36.49
N ASP C 11 2.52 10.92 36.95
CA ASP C 11 1.95 12.04 37.68
C ASP C 11 0.67 11.53 38.33
N ASP C 12 0.47 11.92 39.57
CA ASP C 12 -0.71 11.54 40.34
C ASP C 12 -1.94 12.34 39.93
N PHE C 13 -1.75 13.32 39.07
CA PHE C 13 -2.83 14.17 38.59
C PHE C 13 -3.13 13.72 37.17
N SER C 14 -4.31 13.13 36.96
CA SER C 14 -4.66 12.63 35.63
C SER C 14 -4.52 13.71 34.56
N THR C 15 -5.00 14.92 34.85
CA THR C 15 -4.94 16.01 33.91
C THR C 15 -3.54 16.32 33.41
N MET C 16 -2.56 16.35 34.31
CA MET C 16 -1.20 16.62 33.91
C MET C 16 -0.70 15.52 32.99
N ARG C 17 -1.06 14.28 33.26
CA ARG C 17 -0.63 13.17 32.40
C ARG C 17 -1.26 13.38 31.03
N ARG C 18 -2.53 13.80 31.02
CA ARG C 18 -3.24 14.06 29.77
C ARG C 18 -2.49 15.13 28.98
N ILE C 19 -2.15 16.22 29.66
CA ILE C 19 -1.43 17.30 29.01
C ILE C 19 -0.11 16.81 28.42
N VAL C 20 0.77 16.32 29.28
CA VAL C 20 2.08 15.83 28.85
C VAL C 20 1.92 14.84 27.69
N ARG C 21 0.96 13.94 27.82
CA ARG C 21 0.70 12.95 26.77
C ARG C 21 0.40 13.65 25.43
N ASN C 22 -0.52 14.60 25.44
CA ASN C 22 -0.89 15.31 24.23
C ASN C 22 0.24 16.14 23.65
N LEU C 23 1.07 16.69 24.53
CA LEU C 23 2.22 17.47 24.07
C LEU C 23 3.17 16.54 23.34
N LEU C 24 3.27 15.30 23.81
CA LEU C 24 4.13 14.33 23.16
C LEU C 24 3.55 13.96 21.81
N LYS C 25 2.23 13.95 21.73
CA LYS C 25 1.56 13.66 20.46
C LYS C 25 1.88 14.82 19.52
N GLU C 26 1.87 16.03 20.07
CA GLU C 26 2.16 17.23 19.30
C GLU C 26 3.53 17.12 18.62
N LEU C 27 4.51 16.60 19.34
CA LEU C 27 5.87 16.45 18.83
C LEU C 27 6.02 15.18 17.98
N GLY C 28 4.95 14.42 17.84
CA GLY C 28 5.00 13.22 17.02
C GLY C 28 5.21 11.91 17.73
N PHE C 29 5.35 11.96 19.05
CA PHE C 29 5.55 10.75 19.85
C PHE C 29 4.21 10.21 20.30
N ASN C 30 3.77 9.12 19.65
CA ASN C 30 2.50 8.49 19.95
C ASN C 30 2.54 7.35 20.94
N ASN C 31 3.71 6.78 21.19
CA ASN C 31 3.80 5.66 22.12
C ASN C 31 4.04 6.08 23.55
N VAL C 32 2.95 6.36 24.27
CA VAL C 32 3.04 6.83 25.65
C VAL C 32 2.14 6.06 26.62
N GLU C 33 2.72 5.59 27.72
CA GLU C 33 1.97 4.89 28.76
C GLU C 33 1.85 5.85 29.94
N GLU C 34 0.93 5.60 30.86
CA GLU C 34 0.77 6.48 32.03
C GLU C 34 0.86 5.70 33.33
N ALA C 35 1.30 6.35 34.42
CA ALA C 35 1.40 5.67 35.71
C ALA C 35 1.03 6.64 36.83
N GLU C 36 0.39 6.14 37.89
CA GLU C 36 -0.06 6.99 38.99
C GLU C 36 0.95 7.51 40.00
N ASP C 37 2.10 6.82 40.11
CA ASP C 37 3.16 7.20 41.05
C ASP C 37 4.39 6.31 40.87
N GLY C 38 5.37 6.44 41.76
CA GLY C 38 6.57 5.62 41.67
C GLY C 38 6.28 4.13 41.67
N VAL C 39 5.34 3.71 42.52
CA VAL C 39 4.97 2.29 42.61
C VAL C 39 4.36 1.78 41.30
N ASP C 40 3.40 2.52 40.76
CA ASP C 40 2.79 2.09 39.52
C ASP C 40 3.86 2.07 38.43
N ALA C 41 4.67 3.12 38.41
CA ALA C 41 5.73 3.27 37.42
C ALA C 41 6.66 2.06 37.42
N LEU C 42 7.07 1.61 38.60
CA LEU C 42 7.96 0.45 38.66
C LEU C 42 7.24 -0.79 38.13
N ASN C 43 5.99 -0.97 38.53
CA ASN C 43 5.23 -2.10 38.07
C ASN C 43 5.14 -2.12 36.56
N LYS C 44 4.93 -0.94 35.95
CA LYS C 44 4.85 -0.87 34.49
C LYS C 44 6.22 -1.04 33.83
N LEU C 45 7.24 -0.41 34.41
CA LEU C 45 8.59 -0.50 33.88
C LEU C 45 9.10 -1.92 33.91
N GLN C 46 8.56 -2.75 34.81
CA GLN C 46 8.96 -4.15 34.95
C GLN C 46 8.65 -4.95 33.67
N ALA C 47 7.72 -4.44 32.85
CA ALA C 47 7.35 -5.12 31.61
C ALA C 47 8.42 -4.90 30.53
N GLY C 48 9.31 -3.95 30.78
CA GLY C 48 10.39 -3.66 29.85
C GLY C 48 9.95 -2.99 28.57
N GLY C 49 10.91 -2.53 27.78
CA GLY C 49 10.61 -1.87 26.52
C GLY C 49 10.54 -0.35 26.55
N TYR C 50 10.56 0.23 27.74
CA TYR C 50 10.50 1.69 27.86
C TYR C 50 11.80 2.34 27.43
N GLY C 51 11.70 3.58 26.94
CA GLY C 51 12.87 4.30 26.49
C GLY C 51 13.04 5.69 27.08
N PHE C 52 12.01 6.21 27.74
CA PHE C 52 12.09 7.53 28.35
C PHE C 52 11.05 7.61 29.46
N VAL C 53 11.36 8.36 30.52
CA VAL C 53 10.42 8.53 31.62
C VAL C 53 10.35 10.01 31.96
N ILE C 54 9.14 10.52 32.16
CA ILE C 54 8.94 11.91 32.53
C ILE C 54 8.24 11.77 33.88
N SER C 55 8.97 12.04 34.95
CA SER C 55 8.39 11.89 36.28
C SER C 55 8.12 13.19 36.99
N ASP C 56 6.91 13.30 37.54
CA ASP C 56 6.51 14.48 38.30
C ASP C 56 7.29 14.36 39.61
N TRP C 57 7.54 15.48 40.27
CA TRP C 57 8.29 15.44 41.51
C TRP C 57 7.62 14.76 42.71
N ASN C 58 6.55 15.34 43.24
CA ASN C 58 5.87 14.78 44.41
C ASN C 58 4.64 13.94 44.09
N MET C 59 4.64 12.72 44.59
CA MET C 59 3.55 11.78 44.39
C MET C 59 3.46 10.92 45.63
N PRO C 60 2.30 10.31 45.86
CA PRO C 60 2.11 9.47 47.04
C PRO C 60 2.85 8.14 46.87
N ASN C 61 3.10 7.48 48.00
CA ASN C 61 3.77 6.19 48.04
C ASN C 61 5.24 6.25 47.66
N MET C 62 5.56 6.78 46.50
CA MET C 62 6.95 6.87 46.06
C MET C 62 7.08 8.04 45.09
N ASP C 63 7.69 9.13 45.53
CA ASP C 63 7.85 10.30 44.68
C ASP C 63 8.89 10.16 43.56
N GLY C 64 9.04 11.22 42.76
CA GLY C 64 9.96 11.23 41.65
C GLY C 64 11.41 10.99 42.02
N LEU C 65 11.86 11.57 43.13
CA LEU C 65 13.24 11.42 43.55
C LEU C 65 13.51 9.96 43.93
N GLU C 66 12.57 9.38 44.68
CA GLU C 66 12.68 7.99 45.12
C GLU C 66 12.63 7.07 43.90
N LEU C 67 11.71 7.36 42.97
CA LEU C 67 11.58 6.57 41.76
C LEU C 67 12.88 6.63 41.00
N LEU C 68 13.43 7.83 40.87
CA LEU C 68 14.67 8.06 40.13
C LEU C 68 15.80 7.21 40.69
N LYS C 69 16.03 7.31 41.99
CA LYS C 69 17.08 6.55 42.62
C LYS C 69 16.90 5.05 42.39
N THR C 70 15.66 4.56 42.57
CA THR C 70 15.39 3.15 42.36
C THR C 70 15.74 2.71 40.93
N ILE C 71 15.44 3.56 39.96
CA ILE C 71 15.74 3.28 38.57
C ILE C 71 17.26 3.21 38.36
N ARG C 72 17.97 4.22 38.86
CA ARG C 72 19.41 4.25 38.72
C ARG C 72 20.11 3.11 39.43
N ALA C 73 19.44 2.55 40.42
CA ALA C 73 20.01 1.44 41.18
C ALA C 73 19.74 0.10 40.52
N ASP C 74 18.71 0.00 39.68
CA ASP C 74 18.44 -1.27 39.04
C ASP C 74 19.38 -1.47 37.87
N GLY C 75 19.95 -2.65 37.77
CA GLY C 75 20.87 -2.94 36.69
C GLY C 75 20.27 -2.81 35.31
N ALA C 76 19.17 -3.51 35.07
CA ALA C 76 18.51 -3.53 33.77
C ALA C 76 18.06 -2.18 33.19
N MET C 77 17.47 -1.32 34.03
CA MET C 77 16.97 -0.04 33.54
C MET C 77 17.69 1.19 34.07
N SER C 78 18.90 1.02 34.61
CA SER C 78 19.64 2.15 35.15
C SER C 78 19.93 3.31 34.19
N ALA C 79 20.13 3.01 32.91
CA ALA C 79 20.46 4.05 31.93
C ALA C 79 19.25 4.74 31.29
N LEU C 80 18.08 4.52 31.86
CA LEU C 80 16.87 5.12 31.35
C LEU C 80 16.87 6.63 31.48
N PRO C 81 16.47 7.33 30.42
CA PRO C 81 16.44 8.79 30.51
C PRO C 81 15.24 9.14 31.39
N VAL C 82 15.45 10.02 32.35
CA VAL C 82 14.41 10.44 33.25
C VAL C 82 14.34 11.96 33.28
N LEU C 83 13.23 12.52 32.83
CA LEU C 83 13.01 13.95 32.83
C LEU C 83 12.14 14.22 34.05
N MET C 84 12.61 15.08 34.94
CA MET C 84 11.88 15.42 36.16
C MET C 84 11.05 16.66 35.97
N VAL C 85 9.76 16.59 36.28
CA VAL C 85 8.92 17.77 36.18
C VAL C 85 8.75 18.34 37.57
N THR C 86 8.94 19.64 37.71
CA THR C 86 8.82 20.26 39.00
C THR C 86 7.89 21.46 38.87
N ALA C 87 7.36 21.92 40.01
CA ALA C 87 6.45 23.06 40.02
C ALA C 87 7.21 24.39 40.02
N GLU C 88 8.39 24.38 40.59
CA GLU C 88 9.23 25.58 40.63
C GLU C 88 10.70 25.18 40.70
N ALA C 89 11.56 26.07 40.21
CA ALA C 89 12.98 25.82 40.18
C ALA C 89 13.73 25.97 41.52
N LYS C 90 13.28 25.25 42.55
CA LYS C 90 13.97 25.32 43.84
C LYS C 90 15.35 24.71 43.66
N LYS C 91 16.37 25.50 43.93
CA LYS C 91 17.74 25.04 43.78
C LYS C 91 18.05 23.77 44.58
N GLU C 92 17.29 23.50 45.64
CA GLU C 92 17.51 22.30 46.44
C GLU C 92 17.08 21.09 45.62
N ASN C 93 15.90 21.19 45.02
CA ASN C 93 15.36 20.12 44.18
C ASN C 93 16.27 19.91 42.97
N ILE C 94 16.51 20.99 42.23
CA ILE C 94 17.36 20.94 41.05
C ILE C 94 18.70 20.27 41.36
N ILE C 95 19.31 20.64 42.48
CA ILE C 95 20.60 20.03 42.82
C ILE C 95 20.39 18.56 43.14
N ALA C 96 19.39 18.26 43.96
CA ALA C 96 19.10 16.89 44.35
C ALA C 96 18.89 15.98 43.15
N ALA C 97 18.17 16.49 42.14
CA ALA C 97 17.87 15.73 40.95
C ALA C 97 19.12 15.44 40.15
N ALA C 98 19.93 16.48 39.92
CA ALA C 98 21.16 16.33 39.16
C ALA C 98 22.07 15.35 39.87
N GLN C 99 22.13 15.50 41.20
CA GLN C 99 22.95 14.64 42.05
C GLN C 99 22.49 13.19 41.97
N ALA C 100 21.18 13.00 41.88
CA ALA C 100 20.58 11.68 41.83
C ALA C 100 20.72 10.96 40.50
N GLY C 101 21.13 11.68 39.47
CA GLY C 101 21.29 11.05 38.17
C GLY C 101 20.16 11.29 37.18
N ALA C 102 19.35 12.33 37.41
CA ALA C 102 18.25 12.67 36.52
C ALA C 102 18.81 13.06 35.16
N SER C 103 18.09 12.77 34.09
CA SER C 103 18.57 13.16 32.77
C SER C 103 18.37 14.65 32.55
N GLY C 104 17.34 15.22 33.18
CA GLY C 104 17.05 16.64 33.05
C GLY C 104 15.89 17.01 33.94
N TYR C 105 15.43 18.25 33.84
CA TYR C 105 14.29 18.72 34.62
C TYR C 105 13.56 19.77 33.80
N VAL C 106 12.32 20.09 34.17
CA VAL C 106 11.53 21.09 33.47
C VAL C 106 10.45 21.56 34.45
N VAL C 107 10.24 22.87 34.50
CA VAL C 107 9.24 23.42 35.41
C VAL C 107 7.90 23.53 34.71
N LYS C 108 6.84 23.11 35.38
CA LYS C 108 5.51 23.17 34.81
C LYS C 108 4.81 24.41 35.34
N PRO C 109 3.86 24.95 34.55
CA PRO C 109 3.44 24.44 33.26
C PRO C 109 4.45 24.76 32.16
N PHE C 110 4.64 23.81 31.25
CA PHE C 110 5.55 24.00 30.14
C PHE C 110 4.80 23.83 28.85
N THR C 111 5.41 24.23 27.75
CA THR C 111 4.77 24.15 26.45
C THR C 111 5.46 23.09 25.59
N ALA C 112 4.83 22.75 24.47
CA ALA C 112 5.40 21.76 23.57
C ALA C 112 6.78 22.24 23.17
N ALA C 113 6.93 23.56 23.01
CA ALA C 113 8.21 24.13 22.64
C ALA C 113 9.24 23.79 23.72
N THR C 114 8.90 24.14 24.96
CA THR C 114 9.74 23.91 26.11
C THR C 114 10.13 22.44 26.21
N LEU C 115 9.13 21.57 26.13
CA LEU C 115 9.34 20.14 26.21
C LEU C 115 10.23 19.64 25.09
N GLU C 116 9.94 20.06 23.85
CA GLU C 116 10.73 19.64 22.69
C GLU C 116 12.19 20.00 22.87
N GLU C 117 12.43 21.20 23.38
CA GLU C 117 13.77 21.68 23.62
C GLU C 117 14.47 20.75 24.61
N LYS C 118 13.81 20.46 25.72
CA LYS C 118 14.36 19.57 26.76
C LYS C 118 14.67 18.17 26.24
N LEU C 119 13.76 17.60 25.45
CA LEU C 119 13.99 16.27 24.91
C LEU C 119 15.19 16.25 23.99
N ASN C 120 15.16 17.09 22.96
CA ASN C 120 16.25 17.14 21.99
C ASN C 120 17.60 17.15 22.65
N LYS C 121 17.75 17.97 23.68
CA LYS C 121 19.02 18.04 24.39
C LYS C 121 19.36 16.67 24.97
N ILE C 122 18.40 16.06 25.66
CA ILE C 122 18.62 14.76 26.25
C ILE C 122 18.94 13.72 25.19
N PHE C 123 18.35 13.86 24.01
CA PHE C 123 18.62 12.92 22.94
C PHE C 123 20.07 13.11 22.46
N GLU C 124 20.47 14.35 22.19
CA GLU C 124 21.83 14.64 21.73
C GLU C 124 22.83 14.06 22.72
N LYS C 125 22.68 14.46 23.96
CA LYS C 125 23.53 14.04 25.06
C LYS C 125 23.61 12.53 25.27
N LEU C 126 22.65 11.77 24.72
CA LEU C 126 22.65 10.31 24.84
C LEU C 126 22.79 9.63 23.48
N GLY C 127 22.63 10.40 22.41
CA GLY C 127 22.73 9.89 21.05
C GLY C 127 21.49 9.13 20.62
N MET C 128 20.49 9.86 20.12
CA MET C 128 19.25 9.23 19.66
C MET C 128 18.62 10.06 18.52
N ARG D 37 35.83 33.26 43.53
CA ARG D 37 35.79 32.18 42.50
C ARG D 37 35.09 32.64 41.23
N ARG D 38 35.69 32.36 40.09
CA ARG D 38 35.13 32.75 38.81
C ARG D 38 34.89 31.51 37.94
N ILE D 39 33.69 31.43 37.38
CA ILE D 39 33.34 30.29 36.54
C ILE D 39 33.33 30.73 35.08
N ILE D 40 34.04 29.98 34.25
CA ILE D 40 34.11 30.29 32.84
C ILE D 40 33.52 29.15 32.03
N LEU D 41 32.53 29.46 31.21
CA LEU D 41 31.88 28.47 30.38
C LEU D 41 32.25 28.84 28.95
N SER D 42 32.65 27.85 28.16
CA SER D 42 33.05 28.12 26.79
C SER D 42 32.49 27.18 25.73
N ARG D 43 32.60 27.60 24.47
CA ARG D 43 32.10 26.82 23.35
C ARG D 43 30.59 26.60 23.40
N LEU D 44 29.90 27.60 23.92
CA LEU D 44 28.44 27.54 24.04
C LEU D 44 27.75 27.71 22.69
N LYS D 45 26.76 26.87 22.42
CA LYS D 45 26.01 26.96 21.17
C LYS D 45 25.06 28.15 21.21
N ALA D 46 24.44 28.45 20.08
CA ALA D 46 23.52 29.59 19.99
C ALA D 46 22.48 29.59 21.10
N GLY D 47 22.41 30.71 21.83
CA GLY D 47 21.44 30.82 22.90
C GLY D 47 21.87 30.26 24.25
N GLU D 48 22.64 29.17 24.23
CA GLU D 48 23.12 28.54 25.48
C GLU D 48 23.67 29.52 26.50
N VAL D 49 24.17 30.65 26.01
CA VAL D 49 24.72 31.68 26.87
C VAL D 49 23.66 32.27 27.80
N ASP D 50 22.55 32.75 27.23
CA ASP D 50 21.48 33.33 28.05
C ASP D 50 20.89 32.23 28.92
N LEU D 51 20.69 31.06 28.33
CA LEU D 51 20.14 29.92 29.03
C LEU D 51 20.88 29.61 30.32
N LEU D 52 22.19 29.39 30.21
CA LEU D 52 23.02 29.08 31.37
C LEU D 52 23.05 30.21 32.39
N GLU D 53 22.80 31.43 31.94
CA GLU D 53 22.79 32.57 32.84
C GLU D 53 21.61 32.37 33.78
N GLU D 54 20.44 32.06 33.20
CA GLU D 54 19.23 31.84 33.98
C GLU D 54 19.38 30.60 34.85
N GLU D 55 20.04 29.59 34.31
CA GLU D 55 20.25 28.35 35.05
C GLU D 55 21.10 28.60 36.29
N LEU D 56 22.18 29.34 36.15
CA LEU D 56 23.05 29.63 37.27
C LEU D 56 22.31 30.49 38.28
N GLY D 57 21.39 31.31 37.78
CA GLY D 57 20.61 32.18 38.65
C GLY D 57 19.75 31.45 39.67
N HIS D 58 19.40 30.19 39.38
CA HIS D 58 18.57 29.42 40.31
C HIS D 58 19.40 28.93 41.48
N LEU D 59 20.71 28.81 41.27
CA LEU D 59 21.64 28.31 42.29
C LEU D 59 22.25 29.34 43.23
N THR D 60 22.86 30.38 42.65
CA THR D 60 23.50 31.44 43.42
C THR D 60 23.30 32.75 42.69
N THR D 61 23.92 33.81 43.22
CA THR D 61 23.87 35.13 42.62
C THR D 61 25.23 35.36 41.95
N LEU D 62 25.18 35.73 40.69
CA LEU D 62 26.40 36.00 39.93
C LEU D 62 26.67 37.50 39.97
N THR D 63 27.93 37.87 40.16
CA THR D 63 28.27 39.28 40.23
C THR D 63 28.80 39.85 38.91
N ASP D 64 30.11 39.75 38.71
CA ASP D 64 30.74 40.28 37.50
C ASP D 64 30.42 39.40 36.29
N VAL D 65 29.20 39.56 35.76
CA VAL D 65 28.76 38.77 34.63
C VAL D 65 29.17 39.32 33.28
N VAL D 66 29.85 38.48 32.49
CA VAL D 66 30.31 38.83 31.17
C VAL D 66 29.74 37.81 30.20
N LYS D 67 29.02 38.27 29.17
CA LYS D 67 28.42 37.36 28.21
C LYS D 67 29.02 37.47 26.81
N GLY D 68 29.86 36.51 26.45
CA GLY D 68 30.46 36.52 25.13
C GLY D 68 29.49 36.04 24.08
N ALA D 69 29.98 35.85 22.86
CA ALA D 69 29.14 35.38 21.76
C ALA D 69 28.90 33.88 21.86
N ASP D 70 29.75 33.19 22.61
CA ASP D 70 29.66 31.75 22.82
C ASP D 70 30.36 31.37 24.12
N SER D 71 30.34 32.29 25.08
CA SER D 71 30.98 32.06 26.38
C SER D 71 30.31 32.93 27.43
N LEU D 72 30.48 32.54 28.70
CA LEU D 72 29.90 33.29 29.79
C LEU D 72 30.84 33.13 30.98
N SER D 73 31.01 34.20 31.74
CA SER D 73 31.87 34.16 32.92
C SER D 73 31.23 34.99 34.01
N ALA D 74 31.59 34.70 35.26
CA ALA D 74 31.09 35.44 36.40
C ALA D 74 31.81 35.08 37.70
N ILE D 75 31.67 35.94 38.69
CA ILE D 75 32.25 35.67 39.99
C ILE D 75 31.07 35.38 40.89
N LEU D 76 31.00 34.15 41.35
CA LEU D 76 29.93 33.73 42.22
C LEU D 76 30.50 33.52 43.62
N PRO D 77 29.70 33.85 44.65
CA PRO D 77 30.20 33.65 46.03
C PRO D 77 30.39 32.15 46.24
N GLY D 78 31.17 31.78 47.26
CA GLY D 78 31.40 30.38 47.54
C GLY D 78 30.29 29.70 48.31
N ASP D 79 29.07 29.69 47.76
CA ASP D 79 27.93 29.05 48.42
C ASP D 79 27.81 27.63 47.91
N ILE D 80 27.38 27.51 46.66
CA ILE D 80 27.20 26.22 46.02
C ILE D 80 28.54 25.51 45.77
N ALA D 81 28.60 24.24 46.15
CA ALA D 81 29.80 23.44 45.95
C ALA D 81 30.02 23.32 44.44
N GLU D 82 31.27 23.44 44.02
CA GLU D 82 31.61 23.36 42.61
C GLU D 82 30.97 22.16 41.93
N ASP D 83 30.91 21.04 42.64
CA ASP D 83 30.32 19.82 42.11
C ASP D 83 28.86 19.99 41.73
N ASP D 84 28.06 20.49 42.67
CA ASP D 84 26.63 20.72 42.45
C ASP D 84 26.44 21.58 41.19
N ILE D 85 27.21 22.66 41.10
CA ILE D 85 27.13 23.57 39.94
C ILE D 85 27.49 22.83 38.66
N THR D 86 28.47 21.94 38.76
CA THR D 86 28.88 21.15 37.61
C THR D 86 27.78 20.17 37.20
N ALA D 87 27.29 19.38 38.15
CA ALA D 87 26.24 18.40 37.90
C ALA D 87 25.03 19.05 37.20
N VAL D 88 24.54 20.14 37.79
CA VAL D 88 23.41 20.87 37.23
C VAL D 88 23.70 21.40 35.82
N LEU D 89 24.87 22.00 35.63
CA LEU D 89 25.22 22.53 34.33
C LEU D 89 25.33 21.44 33.27
N CYS D 90 25.70 20.24 33.70
CA CYS D 90 25.82 19.12 32.78
C CYS D 90 24.48 18.69 32.19
N PHE D 91 23.38 19.18 32.75
CA PHE D 91 22.07 18.87 32.18
C PHE D 91 22.11 19.46 30.76
N VAL D 92 22.86 20.56 30.61
CA VAL D 92 22.97 21.26 29.33
C VAL D 92 24.31 21.08 28.62
N ILE D 93 25.39 21.49 29.25
CA ILE D 93 26.72 21.41 28.65
C ILE D 93 27.53 20.18 29.07
N GLU D 94 28.72 20.05 28.48
CA GLU D 94 29.62 18.95 28.82
C GLU D 94 30.53 19.49 29.90
N ALA D 95 30.95 18.64 30.83
CA ALA D 95 31.81 19.04 31.93
C ALA D 95 33.14 19.70 31.55
N ASP D 96 33.59 19.49 30.32
CA ASP D 96 34.85 20.06 29.86
C ASP D 96 34.72 21.52 29.41
N GLN D 97 33.50 22.01 29.28
CA GLN D 97 33.27 23.39 28.86
C GLN D 97 33.26 24.34 30.05
N ILE D 98 33.46 23.81 31.26
CA ILE D 98 33.44 24.64 32.45
C ILE D 98 34.79 24.71 33.19
N THR D 99 35.16 25.92 33.59
CA THR D 99 36.42 26.14 34.30
C THR D 99 36.20 26.99 35.55
N PHE D 100 36.99 26.72 36.58
CA PHE D 100 36.89 27.45 37.83
C PHE D 100 38.23 28.10 38.18
N GLU D 101 38.28 29.41 38.04
CA GLU D 101 39.48 30.17 38.35
C GLU D 101 39.27 30.87 39.68
N THR D 102 40.37 31.28 40.30
CA THR D 102 40.32 31.95 41.59
C THR D 102 40.34 33.47 41.43
N VAL D 103 39.68 34.14 42.39
CA VAL D 103 39.58 35.60 42.43
C VAL D 103 38.53 35.98 43.49
N ALA E 1 -20.57 -14.77 -13.17
CA ALA E 1 -19.21 -14.41 -13.67
C ALA E 1 -18.73 -13.15 -12.96
N ASP E 2 -17.70 -13.27 -12.13
CA ASP E 2 -17.16 -12.13 -11.41
C ASP E 2 -16.30 -11.28 -12.35
N LYS E 3 -16.67 -10.01 -12.52
CA LYS E 3 -15.95 -9.09 -13.40
C LYS E 3 -14.46 -8.90 -13.05
N GLU E 4 -14.09 -9.29 -11.83
CA GLU E 4 -12.71 -9.17 -11.37
C GLU E 4 -11.93 -10.45 -11.62
N LEU E 5 -12.55 -11.40 -12.32
CA LEU E 5 -11.93 -12.67 -12.62
C LEU E 5 -10.60 -12.42 -13.31
N LYS E 6 -9.56 -13.09 -12.83
CA LYS E 6 -8.22 -12.94 -13.36
C LYS E 6 -7.99 -13.93 -14.50
N PHE E 7 -7.77 -13.39 -15.69
CA PHE E 7 -7.54 -14.20 -16.88
C PHE E 7 -6.05 -14.23 -17.22
N LEU E 8 -5.60 -15.36 -17.78
CA LEU E 8 -4.23 -15.49 -18.22
C LEU E 8 -4.36 -15.83 -19.70
N VAL E 9 -3.91 -14.92 -20.56
CA VAL E 9 -3.99 -15.14 -21.99
C VAL E 9 -2.61 -15.59 -22.43
N VAL E 10 -2.54 -16.77 -23.05
CA VAL E 10 -1.26 -17.33 -23.48
C VAL E 10 -1.21 -17.49 -25.00
N ASP E 11 -0.22 -16.85 -25.64
CA ASP E 11 -0.04 -16.94 -27.10
C ASP E 11 1.31 -16.35 -27.45
N ASP E 12 2.02 -16.98 -28.39
CA ASP E 12 3.32 -16.48 -28.81
C ASP E 12 3.21 -15.23 -29.69
N PHE E 13 2.02 -15.00 -30.26
CA PHE E 13 1.78 -13.84 -31.10
C PHE E 13 1.24 -12.72 -30.23
N SER E 14 2.03 -11.69 -30.01
CA SER E 14 1.60 -10.58 -29.17
C SER E 14 0.31 -9.94 -29.66
N THR E 15 0.15 -9.80 -30.97
CA THR E 15 -1.06 -9.17 -31.48
C THR E 15 -2.30 -10.00 -31.15
N MET E 16 -2.23 -11.31 -31.34
CA MET E 16 -3.38 -12.15 -31.04
C MET E 16 -3.76 -11.96 -29.56
N ARG E 17 -2.76 -11.92 -28.71
CA ARG E 17 -2.92 -11.72 -27.28
C ARG E 17 -3.60 -10.40 -26.97
N ARG E 18 -3.19 -9.34 -27.66
CA ARG E 18 -3.77 -8.04 -27.44
C ARG E 18 -5.23 -8.01 -27.92
N ILE E 19 -5.51 -8.75 -28.98
CA ILE E 19 -6.88 -8.82 -29.50
C ILE E 19 -7.79 -9.48 -28.45
N VAL E 20 -7.37 -10.61 -27.93
CA VAL E 20 -8.16 -11.30 -26.91
C VAL E 20 -8.37 -10.36 -25.73
N ARG E 21 -7.36 -9.56 -25.43
CA ARG E 21 -7.44 -8.63 -24.32
C ARG E 21 -8.55 -7.62 -24.58
N ASN E 22 -8.63 -7.12 -25.81
CA ASN E 22 -9.66 -6.16 -26.16
C ASN E 22 -11.03 -6.78 -26.13
N LEU E 23 -11.15 -7.99 -26.64
CA LEU E 23 -12.46 -8.67 -26.63
C LEU E 23 -12.88 -8.90 -25.18
N LEU E 24 -11.93 -9.30 -24.33
CA LEU E 24 -12.23 -9.51 -22.92
C LEU E 24 -12.67 -8.22 -22.28
N LYS E 25 -12.02 -7.13 -22.70
CA LYS E 25 -12.31 -5.80 -22.21
C LYS E 25 -13.75 -5.44 -22.48
N GLU E 26 -14.15 -5.46 -23.75
CA GLU E 26 -15.51 -5.10 -24.07
C GLU E 26 -16.54 -6.05 -23.50
N LEU E 27 -16.13 -7.28 -23.21
CA LEU E 27 -17.04 -8.25 -22.62
C LEU E 27 -17.21 -7.93 -21.14
N GLY E 28 -16.41 -6.99 -20.64
CA GLY E 28 -16.51 -6.57 -19.26
C GLY E 28 -15.41 -7.02 -18.30
N PHE E 29 -14.56 -7.94 -18.73
CA PHE E 29 -13.48 -8.42 -17.88
C PHE E 29 -12.22 -7.59 -18.12
N ASN E 30 -11.81 -6.85 -17.10
CA ASN E 30 -10.64 -5.99 -17.22
C ASN E 30 -9.39 -6.51 -16.53
N ASN E 31 -9.51 -7.63 -15.82
CA ASN E 31 -8.38 -8.22 -15.11
C ASN E 31 -7.74 -9.32 -15.98
N VAL E 32 -6.85 -8.92 -16.88
CA VAL E 32 -6.20 -9.84 -17.80
C VAL E 32 -4.68 -9.68 -17.83
N GLU E 33 -3.97 -10.80 -17.73
CA GLU E 33 -2.50 -10.81 -17.75
C GLU E 33 -2.06 -11.79 -18.84
N GLU E 34 -1.06 -11.41 -19.64
CA GLU E 34 -0.60 -12.27 -20.73
C GLU E 34 0.72 -13.01 -20.54
N ALA E 35 0.86 -14.12 -21.29
CA ALA E 35 2.06 -14.97 -21.25
C ALA E 35 2.40 -15.36 -22.67
N GLU E 36 3.68 -15.66 -22.91
CA GLU E 36 4.19 -16.02 -24.24
C GLU E 36 4.09 -17.50 -24.64
N ASP E 37 4.09 -18.41 -23.67
CA ASP E 37 4.00 -19.84 -23.96
C ASP E 37 3.66 -20.66 -22.70
N GLY E 38 3.74 -21.99 -22.81
CA GLY E 38 3.46 -22.83 -21.67
C GLY E 38 4.31 -22.51 -20.45
N VAL E 39 5.63 -22.63 -20.59
CA VAL E 39 6.57 -22.36 -19.50
C VAL E 39 6.25 -21.03 -18.80
N ASP E 40 6.25 -19.96 -19.58
CA ASP E 40 5.96 -18.62 -19.08
C ASP E 40 4.64 -18.62 -18.30
N ALA E 41 3.61 -19.22 -18.89
CA ALA E 41 2.31 -19.27 -18.29
C ALA E 41 2.39 -19.91 -16.91
N LEU E 42 3.00 -21.08 -16.85
CA LEU E 42 3.16 -21.82 -15.61
C LEU E 42 3.87 -21.04 -14.52
N ASN E 43 4.99 -20.40 -14.86
CA ASN E 43 5.73 -19.61 -13.89
C ASN E 43 4.80 -18.56 -13.27
N LYS E 44 3.93 -17.96 -14.10
CA LYS E 44 2.99 -16.95 -13.63
C LYS E 44 1.84 -17.57 -12.85
N LEU E 45 1.40 -18.73 -13.29
CA LEU E 45 0.30 -19.42 -12.63
C LEU E 45 0.65 -19.81 -11.21
N GLN E 46 1.92 -20.14 -10.99
CA GLN E 46 2.36 -20.55 -9.66
C GLN E 46 2.12 -19.53 -8.56
N ALA E 47 2.15 -18.24 -8.91
CA ALA E 47 1.90 -17.18 -7.94
C ALA E 47 0.47 -17.25 -7.42
N GLY E 48 -0.43 -17.72 -8.28
CA GLY E 48 -1.83 -17.86 -7.90
C GLY E 48 -2.71 -16.65 -8.20
N GLY E 49 -3.99 -16.76 -7.84
CA GLY E 49 -4.92 -15.68 -8.07
C GLY E 49 -5.69 -15.77 -9.37
N TYR E 50 -5.25 -16.64 -10.26
CA TYR E 50 -5.91 -16.81 -11.56
C TYR E 50 -7.20 -17.60 -11.48
N GLY E 51 -8.15 -17.27 -12.35
CA GLY E 51 -9.42 -17.96 -12.35
C GLY E 51 -9.80 -18.50 -13.71
N PHE E 52 -9.13 -18.03 -14.75
CA PHE E 52 -9.42 -18.49 -16.10
C PHE E 52 -8.17 -18.37 -16.97
N VAL E 53 -8.01 -19.33 -17.87
CA VAL E 53 -6.87 -19.35 -18.77
C VAL E 53 -7.34 -19.55 -20.20
N ILE E 54 -6.90 -18.69 -21.09
CA ILE E 54 -7.24 -18.83 -22.50
C ILE E 54 -5.86 -19.10 -23.09
N SER E 55 -5.74 -20.17 -23.87
CA SER E 55 -4.46 -20.54 -24.42
C SER E 55 -4.48 -20.97 -25.85
N ASP E 56 -3.47 -20.54 -26.60
CA ASP E 56 -3.31 -20.89 -27.99
C ASP E 56 -2.76 -22.34 -28.07
N TRP E 57 -2.91 -22.97 -29.23
CA TRP E 57 -2.43 -24.33 -29.40
C TRP E 57 -0.92 -24.45 -29.56
N ASN E 58 -0.38 -23.99 -30.69
CA ASN E 58 1.06 -24.08 -30.97
C ASN E 58 1.92 -22.92 -30.48
N MET E 59 2.84 -23.23 -29.57
CA MET E 59 3.75 -22.24 -28.99
C MET E 59 5.07 -22.94 -28.73
N PRO E 60 6.19 -22.21 -28.87
CA PRO E 60 7.49 -22.83 -28.63
C PRO E 60 7.62 -23.11 -27.14
N ASN E 61 8.61 -23.93 -26.78
CA ASN E 61 8.87 -24.30 -25.37
C ASN E 61 7.81 -25.20 -24.75
N MET E 62 6.52 -24.88 -24.92
CA MET E 62 5.43 -25.70 -24.40
C MET E 62 4.11 -25.30 -25.03
N ASP E 63 3.54 -26.19 -25.85
CA ASP E 63 2.27 -25.92 -26.51
C ASP E 63 1.08 -25.94 -25.54
N GLY E 64 -0.04 -25.42 -26.00
CA GLY E 64 -1.24 -25.37 -25.19
C GLY E 64 -1.64 -26.70 -24.60
N LEU E 65 -1.64 -27.74 -25.43
CA LEU E 65 -2.01 -29.08 -24.97
C LEU E 65 -1.18 -29.53 -23.77
N GLU E 66 0.14 -29.37 -23.84
CA GLU E 66 1.00 -29.76 -22.74
C GLU E 66 0.74 -28.88 -21.50
N LEU E 67 0.50 -27.59 -21.72
CA LEU E 67 0.22 -26.68 -20.62
C LEU E 67 -1.06 -27.14 -19.93
N LEU E 68 -2.05 -27.48 -20.75
CA LEU E 68 -3.34 -27.96 -20.26
C LEU E 68 -3.09 -29.22 -19.44
N LYS E 69 -2.37 -30.17 -20.04
CA LYS E 69 -2.06 -31.43 -19.39
C LYS E 69 -1.34 -31.21 -18.07
N THR E 70 -0.42 -30.26 -18.05
CA THR E 70 0.32 -29.96 -16.83
C THR E 70 -0.63 -29.45 -15.78
N ILE E 71 -1.39 -28.40 -16.10
CA ILE E 71 -2.34 -27.80 -15.16
C ILE E 71 -3.29 -28.86 -14.61
N ARG E 72 -3.83 -29.68 -15.49
CA ARG E 72 -4.75 -30.73 -15.12
C ARG E 72 -4.12 -31.72 -14.16
N ALA E 73 -2.82 -31.91 -14.32
CA ALA E 73 -2.05 -32.85 -13.51
C ALA E 73 -1.43 -32.26 -12.26
N ASP E 74 -1.67 -30.99 -11.99
CA ASP E 74 -1.09 -30.37 -10.81
C ASP E 74 -2.17 -30.05 -9.80
N GLY E 75 -1.89 -30.26 -8.52
CA GLY E 75 -2.88 -29.96 -7.50
C GLY E 75 -3.12 -28.46 -7.51
N ALA E 76 -4.24 -28.00 -6.93
CA ALA E 76 -4.56 -26.57 -6.90
C ALA E 76 -4.99 -26.07 -8.28
N MET E 77 -4.03 -25.93 -9.19
CA MET E 77 -4.31 -25.46 -10.54
C MET E 77 -5.30 -26.36 -11.26
N SER E 78 -5.23 -27.64 -10.95
CA SER E 78 -6.09 -28.67 -11.52
C SER E 78 -7.51 -28.28 -11.92
N ALA E 79 -8.14 -27.38 -11.16
CA ALA E 79 -9.51 -26.98 -11.45
C ALA E 79 -9.66 -25.87 -12.50
N LEU E 80 -8.61 -25.08 -12.68
CA LEU E 80 -8.59 -23.97 -13.61
C LEU E 80 -9.23 -24.21 -14.97
N PRO E 81 -10.14 -23.31 -15.37
CA PRO E 81 -10.81 -23.45 -16.67
C PRO E 81 -9.78 -23.09 -17.75
N VAL E 82 -9.78 -23.84 -18.84
CA VAL E 82 -8.84 -23.58 -19.93
C VAL E 82 -9.57 -23.59 -21.27
N LEU E 83 -9.62 -22.43 -21.89
CA LEU E 83 -10.26 -22.33 -23.18
C LEU E 83 -9.13 -22.48 -24.18
N MET E 84 -9.22 -23.48 -25.05
CA MET E 84 -8.19 -23.75 -26.05
C MET E 84 -8.48 -23.05 -27.33
N VAL E 85 -7.47 -22.37 -27.87
CA VAL E 85 -7.64 -21.67 -29.13
C VAL E 85 -6.91 -22.47 -30.20
N THR E 86 -7.61 -22.80 -31.28
CA THR E 86 -7.00 -23.54 -32.38
C THR E 86 -7.19 -22.71 -33.65
N ALA E 87 -6.34 -22.95 -34.64
CA ALA E 87 -6.44 -22.22 -35.89
C ALA E 87 -7.50 -22.83 -36.78
N GLU E 88 -7.89 -24.08 -36.48
CA GLU E 88 -8.91 -24.76 -37.25
C GLU E 88 -9.63 -25.83 -36.44
N ALA E 89 -10.89 -26.09 -36.81
CA ALA E 89 -11.73 -27.09 -36.14
C ALA E 89 -11.42 -28.50 -36.62
N LYS E 90 -10.16 -28.88 -36.50
CA LYS E 90 -9.67 -30.19 -36.91
C LYS E 90 -10.13 -31.20 -35.86
N LYS E 91 -10.92 -32.16 -36.30
CA LYS E 91 -11.45 -33.22 -35.44
C LYS E 91 -10.49 -33.71 -34.33
N GLU E 92 -9.31 -34.17 -34.72
CA GLU E 92 -8.32 -34.67 -33.77
C GLU E 92 -7.87 -33.66 -32.73
N ASN E 93 -7.84 -32.40 -33.12
CA ASN E 93 -7.44 -31.35 -32.19
C ASN E 93 -8.50 -31.29 -31.11
N ILE E 94 -9.75 -31.08 -31.55
CA ILE E 94 -10.91 -30.99 -30.68
C ILE E 94 -10.97 -32.19 -29.73
N ILE E 95 -10.88 -33.38 -30.29
CA ILE E 95 -10.94 -34.61 -29.51
C ILE E 95 -9.80 -34.65 -28.50
N ALA E 96 -8.59 -34.33 -28.94
CA ALA E 96 -7.43 -34.35 -28.07
C ALA E 96 -7.62 -33.36 -26.92
N ALA E 97 -8.08 -32.15 -27.25
CA ALA E 97 -8.31 -31.11 -26.28
C ALA E 97 -9.28 -31.59 -25.21
N ALA E 98 -10.37 -32.19 -25.65
CA ALA E 98 -11.39 -32.69 -24.75
C ALA E 98 -10.80 -33.78 -23.87
N GLN E 99 -10.20 -34.78 -24.50
CA GLN E 99 -9.60 -35.88 -23.76
C GLN E 99 -8.56 -35.44 -22.75
N ALA E 100 -7.90 -34.32 -23.04
CA ALA E 100 -6.87 -33.78 -22.16
C ALA E 100 -7.43 -33.01 -20.97
N GLY E 101 -8.68 -32.59 -21.05
CA GLY E 101 -9.30 -31.88 -19.93
C GLY E 101 -9.71 -30.44 -20.16
N ALA E 102 -9.64 -30.02 -21.43
CA ALA E 102 -10.00 -28.65 -21.80
C ALA E 102 -11.44 -28.32 -21.44
N SER E 103 -11.66 -27.08 -21.03
CA SER E 103 -13.00 -26.65 -20.68
C SER E 103 -13.76 -26.28 -21.94
N GLY E 104 -13.05 -25.98 -23.01
CA GLY E 104 -13.74 -25.63 -24.23
C GLY E 104 -12.71 -25.31 -25.27
N TYR E 105 -13.17 -24.96 -26.46
CA TYR E 105 -12.28 -24.63 -27.55
C TYR E 105 -12.96 -23.56 -28.40
N VAL E 106 -12.14 -22.78 -29.09
CA VAL E 106 -12.65 -21.73 -29.95
C VAL E 106 -11.63 -21.60 -31.07
N VAL E 107 -12.15 -21.39 -32.27
CA VAL E 107 -11.32 -21.25 -33.45
C VAL E 107 -11.06 -19.79 -33.65
N LYS E 108 -9.81 -19.48 -33.99
CA LYS E 108 -9.39 -18.12 -34.24
C LYS E 108 -9.28 -17.94 -35.74
N PRO E 109 -9.56 -16.73 -36.24
CA PRO E 109 -9.98 -15.56 -35.48
C PRO E 109 -11.42 -15.73 -34.97
N PHE E 110 -11.77 -14.98 -33.94
CA PHE E 110 -13.12 -15.06 -33.39
C PHE E 110 -13.63 -13.73 -32.87
N THR E 111 -14.92 -13.50 -33.07
CA THR E 111 -15.55 -12.28 -32.65
C THR E 111 -15.83 -12.30 -31.15
N ALA E 112 -16.09 -11.13 -30.58
CA ALA E 112 -16.39 -11.02 -29.17
C ALA E 112 -17.63 -11.84 -28.88
N ALA E 113 -18.53 -11.91 -29.85
CA ALA E 113 -19.76 -12.67 -29.72
C ALA E 113 -19.40 -14.12 -29.43
N THR E 114 -18.60 -14.71 -30.31
CA THR E 114 -18.16 -16.09 -30.18
C THR E 114 -17.48 -16.30 -28.84
N LEU E 115 -16.59 -15.40 -28.49
CA LEU E 115 -15.89 -15.51 -27.22
C LEU E 115 -16.87 -15.55 -26.06
N GLU E 116 -17.88 -14.70 -26.13
CA GLU E 116 -18.88 -14.61 -25.07
C GLU E 116 -19.65 -15.90 -24.91
N GLU E 117 -20.10 -16.45 -26.03
CA GLU E 117 -20.85 -17.69 -26.02
C GLU E 117 -20.01 -18.82 -25.44
N LYS E 118 -18.73 -18.83 -25.75
CA LYS E 118 -17.86 -19.87 -25.21
C LYS E 118 -17.69 -19.66 -23.71
N LEU E 119 -17.48 -18.41 -23.33
CA LEU E 119 -17.30 -18.08 -21.92
C LEU E 119 -18.53 -18.46 -21.08
N ASN E 120 -19.70 -18.00 -21.49
CA ASN E 120 -20.93 -18.30 -20.77
C ASN E 120 -21.14 -19.78 -20.56
N LYS E 121 -21.00 -20.59 -21.60
CA LYS E 121 -21.18 -22.02 -21.46
C LYS E 121 -20.24 -22.60 -20.43
N ILE E 122 -19.00 -22.13 -20.42
CA ILE E 122 -18.05 -22.62 -19.46
C ILE E 122 -18.50 -22.18 -18.06
N PHE E 123 -19.00 -20.95 -17.94
CA PHE E 123 -19.48 -20.44 -16.67
C PHE E 123 -20.65 -21.26 -16.12
N GLU E 124 -21.57 -21.66 -16.99
CA GLU E 124 -22.71 -22.46 -16.56
C GLU E 124 -22.24 -23.78 -16.01
N LYS E 125 -21.49 -24.52 -16.82
CA LYS E 125 -20.97 -25.83 -16.44
C LYS E 125 -20.25 -25.80 -15.11
N LEU E 126 -19.62 -24.67 -14.79
CA LEU E 126 -18.90 -24.58 -13.53
C LEU E 126 -19.64 -23.72 -12.51
N GLY E 127 -20.79 -23.18 -12.91
CA GLY E 127 -21.59 -22.34 -12.04
C GLY E 127 -20.82 -21.15 -11.52
N MET E 128 -20.82 -20.04 -12.26
CA MET E 128 -20.10 -18.84 -11.86
C MET E 128 -20.84 -17.56 -12.19
N PRO F 36 -22.88 -49.56 -37.08
CA PRO F 36 -23.46 -48.19 -37.06
C PRO F 36 -24.34 -48.07 -35.82
N ARG F 37 -24.27 -46.95 -35.11
CA ARG F 37 -25.07 -46.74 -33.90
C ARG F 37 -25.88 -45.44 -33.92
N ARG F 38 -26.80 -45.31 -32.97
CA ARG F 38 -27.63 -44.12 -32.87
C ARG F 38 -27.35 -43.29 -31.63
N ILE F 39 -27.24 -41.98 -31.84
CA ILE F 39 -26.97 -41.05 -30.76
C ILE F 39 -28.28 -40.40 -30.34
N ILE F 40 -28.47 -40.25 -29.03
CA ILE F 40 -29.68 -39.64 -28.51
C ILE F 40 -29.30 -38.64 -27.42
N LEU F 41 -29.50 -37.36 -27.71
CA LEU F 41 -29.20 -36.29 -26.77
C LEU F 41 -30.54 -35.72 -26.34
N SER F 42 -30.83 -35.83 -25.06
CA SER F 42 -32.10 -35.37 -24.51
C SER F 42 -31.92 -34.27 -23.49
N ARG F 43 -32.98 -33.47 -23.31
CA ARG F 43 -32.99 -32.36 -22.36
C ARG F 43 -32.10 -31.22 -22.78
N LEU F 44 -32.13 -30.89 -24.07
CA LEU F 44 -31.34 -29.78 -24.60
C LEU F 44 -32.07 -28.48 -24.31
N LYS F 45 -31.32 -27.38 -24.27
CA LYS F 45 -31.92 -26.09 -24.00
C LYS F 45 -32.17 -25.36 -25.30
N ALA F 46 -32.42 -24.06 -25.23
CA ALA F 46 -32.69 -23.26 -26.42
C ALA F 46 -31.50 -23.23 -27.39
N GLY F 47 -31.76 -23.56 -28.66
CA GLY F 47 -30.72 -23.52 -29.67
C GLY F 47 -29.66 -24.62 -29.61
N GLU F 48 -29.47 -25.24 -28.44
CA GLU F 48 -28.50 -26.30 -28.26
C GLU F 48 -28.56 -27.43 -29.28
N VAL F 49 -29.73 -27.65 -29.86
CA VAL F 49 -29.91 -28.71 -30.86
C VAL F 49 -29.06 -28.40 -32.09
N ASP F 50 -29.33 -27.26 -32.72
CA ASP F 50 -28.57 -26.85 -33.91
C ASP F 50 -27.09 -26.85 -33.60
N LEU F 51 -26.73 -26.32 -32.44
CA LEU F 51 -25.34 -26.25 -32.03
C LEU F 51 -24.70 -27.63 -32.00
N LEU F 52 -25.30 -28.55 -31.26
CA LEU F 52 -24.78 -29.90 -31.13
C LEU F 52 -24.73 -30.64 -32.46
N GLU F 53 -25.69 -30.36 -33.32
CA GLU F 53 -25.71 -30.99 -34.62
C GLU F 53 -24.42 -30.55 -35.32
N GLU F 54 -24.16 -29.25 -35.21
CA GLU F 54 -22.98 -28.65 -35.81
C GLU F 54 -21.70 -29.24 -35.21
N GLU F 55 -21.68 -29.42 -33.89
CA GLU F 55 -20.51 -30.00 -33.21
C GLU F 55 -20.26 -31.42 -33.65
N LEU F 56 -21.32 -32.22 -33.74
CA LEU F 56 -21.19 -33.60 -34.16
C LEU F 56 -20.65 -33.65 -35.58
N GLY F 57 -21.08 -32.71 -36.42
CA GLY F 57 -20.62 -32.66 -37.80
C GLY F 57 -19.10 -32.52 -37.90
N HIS F 58 -18.48 -31.89 -36.91
CA HIS F 58 -17.04 -31.70 -36.89
C HIS F 58 -16.36 -33.05 -36.64
N LEU F 59 -17.11 -33.99 -36.08
CA LEU F 59 -16.55 -35.29 -35.76
C LEU F 59 -16.92 -36.44 -36.68
N THR F 60 -18.09 -36.36 -37.32
CA THR F 60 -18.54 -37.45 -38.17
C THR F 60 -19.77 -37.12 -39.00
N THR F 61 -20.17 -38.06 -39.85
CA THR F 61 -21.33 -37.90 -40.70
C THR F 61 -22.58 -38.33 -39.95
N LEU F 62 -23.63 -37.53 -40.09
CA LEU F 62 -24.91 -37.80 -39.46
C LEU F 62 -25.89 -38.11 -40.59
N THR F 63 -26.69 -39.16 -40.41
CA THR F 63 -27.65 -39.57 -41.42
C THR F 63 -29.11 -39.27 -41.09
N ASP F 64 -29.63 -39.99 -40.09
CA ASP F 64 -31.03 -39.86 -39.70
C ASP F 64 -31.20 -38.81 -38.61
N VAL F 65 -31.06 -37.54 -38.98
CA VAL F 65 -31.17 -36.46 -38.02
C VAL F 65 -32.59 -36.09 -37.63
N VAL F 66 -32.87 -36.20 -36.34
CA VAL F 66 -34.19 -35.86 -35.80
C VAL F 66 -33.98 -34.74 -34.79
N LYS F 67 -34.25 -33.52 -35.24
CA LYS F 67 -34.10 -32.35 -34.42
C LYS F 67 -35.49 -32.05 -33.86
N GLY F 68 -35.63 -32.24 -32.56
CA GLY F 68 -36.92 -31.99 -31.94
C GLY F 68 -36.83 -31.25 -30.63
N ALA F 69 -37.31 -30.01 -30.64
CA ALA F 69 -37.36 -29.14 -29.46
C ALA F 69 -36.21 -29.27 -28.46
N ASP F 70 -36.37 -30.11 -27.46
CA ASP F 70 -35.35 -30.30 -26.44
C ASP F 70 -34.54 -31.58 -26.64
N SER F 71 -34.43 -32.04 -27.89
CA SER F 71 -33.71 -33.28 -28.15
C SER F 71 -33.18 -33.40 -29.58
N LEU F 72 -32.25 -34.34 -29.73
CA LEU F 72 -31.63 -34.61 -31.02
C LEU F 72 -31.22 -36.06 -31.06
N SER F 73 -31.35 -36.68 -32.22
CA SER F 73 -30.94 -38.06 -32.40
C SER F 73 -30.48 -38.22 -33.85
N ALA F 74 -29.56 -39.15 -34.09
CA ALA F 74 -29.08 -39.37 -35.44
C ALA F 74 -28.32 -40.68 -35.53
N ILE F 75 -28.24 -41.19 -36.75
CA ILE F 75 -27.52 -42.43 -36.99
C ILE F 75 -26.14 -41.97 -37.45
N LEU F 76 -25.12 -42.34 -36.69
CA LEU F 76 -23.78 -41.96 -37.03
C LEU F 76 -22.92 -43.19 -37.27
N PRO F 77 -22.19 -43.21 -38.40
CA PRO F 77 -21.31 -44.34 -38.75
C PRO F 77 -20.29 -44.57 -37.65
N GLY F 78 -19.69 -45.76 -37.64
CA GLY F 78 -18.70 -46.08 -36.61
C GLY F 78 -17.35 -45.38 -36.77
N ASP F 79 -17.36 -44.05 -36.84
CA ASP F 79 -16.15 -43.26 -36.98
C ASP F 79 -15.47 -43.07 -35.62
N ILE F 80 -15.76 -41.94 -34.98
CA ILE F 80 -15.20 -41.62 -33.69
C ILE F 80 -15.73 -42.57 -32.62
N ALA F 81 -14.83 -43.06 -31.77
CA ALA F 81 -15.22 -43.96 -30.68
C ALA F 81 -16.17 -43.20 -29.77
N GLU F 82 -17.17 -43.90 -29.26
CA GLU F 82 -18.15 -43.28 -28.39
C GLU F 82 -17.52 -42.51 -27.24
N ASP F 83 -16.35 -42.93 -26.77
CA ASP F 83 -15.68 -42.23 -25.68
C ASP F 83 -15.30 -40.80 -26.09
N ASP F 84 -14.87 -40.66 -27.34
CA ASP F 84 -14.48 -39.38 -27.90
C ASP F 84 -15.71 -38.50 -28.11
N ILE F 85 -16.75 -39.06 -28.71
CA ILE F 85 -17.99 -38.33 -28.96
C ILE F 85 -18.51 -37.75 -27.65
N THR F 86 -18.46 -38.54 -26.59
CA THR F 86 -18.95 -38.10 -25.29
C THR F 86 -18.15 -36.92 -24.75
N ALA F 87 -16.84 -37.09 -24.70
CA ALA F 87 -15.93 -36.06 -24.18
C ALA F 87 -16.16 -34.69 -24.79
N VAL F 88 -16.18 -34.61 -26.12
CA VAL F 88 -16.39 -33.32 -26.77
C VAL F 88 -17.83 -32.80 -26.60
N LEU F 89 -18.82 -33.68 -26.57
CA LEU F 89 -20.19 -33.22 -26.40
C LEU F 89 -20.34 -32.64 -25.01
N CYS F 90 -19.55 -33.15 -24.07
CA CYS F 90 -19.59 -32.65 -22.69
C CYS F 90 -19.02 -31.25 -22.54
N PHE F 91 -18.56 -30.66 -23.65
CA PHE F 91 -18.07 -29.29 -23.61
C PHE F 91 -19.30 -28.44 -23.35
N VAL F 92 -20.43 -28.88 -23.88
CA VAL F 92 -21.71 -28.17 -23.75
C VAL F 92 -22.70 -28.76 -22.75
N ILE F 93 -23.05 -30.03 -22.96
CA ILE F 93 -24.02 -30.72 -22.12
C ILE F 93 -23.39 -31.67 -21.10
N GLU F 94 -24.26 -32.26 -20.27
CA GLU F 94 -23.81 -33.23 -19.26
C GLU F 94 -23.77 -34.63 -19.86
N ALA F 95 -22.91 -35.49 -19.32
CA ALA F 95 -22.75 -36.86 -19.82
C ALA F 95 -24.02 -37.68 -19.75
N ASP F 96 -24.67 -37.62 -18.60
CA ASP F 96 -25.91 -38.36 -18.37
C ASP F 96 -27.01 -38.22 -19.43
N GLN F 97 -27.04 -37.10 -20.13
CA GLN F 97 -28.07 -36.92 -21.15
C GLN F 97 -27.63 -37.29 -22.56
N ILE F 98 -26.65 -38.19 -22.64
CA ILE F 98 -26.16 -38.67 -23.92
C ILE F 98 -26.40 -40.16 -23.90
N THR F 99 -27.11 -40.66 -24.91
CA THR F 99 -27.40 -42.09 -24.97
C THR F 99 -27.08 -42.63 -26.34
N PHE F 100 -26.40 -43.78 -26.37
CA PHE F 100 -26.03 -44.45 -27.61
C PHE F 100 -26.80 -45.76 -27.60
N GLU F 101 -27.41 -46.10 -28.73
CA GLU F 101 -28.19 -47.33 -28.82
C GLU F 101 -27.90 -48.02 -30.15
N THR F 102 -27.92 -49.35 -30.13
CA THR F 102 -27.68 -50.15 -31.32
C THR F 102 -28.96 -50.16 -32.16
N VAL F 103 -28.85 -49.98 -33.47
CA VAL F 103 -30.03 -49.98 -34.32
C VAL F 103 -30.45 -51.40 -34.70
N GLU F 104 -31.76 -51.65 -34.61
CA GLU F 104 -32.33 -52.96 -34.93
C GLU F 104 -32.35 -53.21 -36.43
N ALA G 1 50.96 27.11 -36.06
CA ALA G 1 51.60 28.27 -36.74
C ALA G 1 52.90 27.84 -37.40
N ASP G 2 53.29 28.51 -38.47
CA ASP G 2 54.52 28.14 -39.15
C ASP G 2 55.70 28.74 -38.40
N LYS G 3 56.70 27.92 -38.11
CA LYS G 3 57.87 28.40 -37.37
C LYS G 3 58.74 29.36 -38.14
N GLU G 4 58.46 29.48 -39.43
CA GLU G 4 59.23 30.36 -40.30
C GLU G 4 58.49 31.64 -40.66
N LEU G 5 57.39 31.89 -39.97
CA LEU G 5 56.60 33.09 -40.19
C LEU G 5 57.53 34.26 -39.90
N LYS G 6 57.46 35.30 -40.74
CA LYS G 6 58.31 36.47 -40.58
C LYS G 6 57.60 37.53 -39.76
N PHE G 7 58.18 37.85 -38.61
CA PHE G 7 57.62 38.86 -37.71
C PHE G 7 58.34 40.19 -37.93
N LEU G 8 57.67 41.29 -37.62
CA LEU G 8 58.29 42.61 -37.71
C LEU G 8 58.03 43.20 -36.31
N VAL G 9 59.09 43.49 -35.56
CA VAL G 9 58.97 44.04 -34.21
C VAL G 9 59.23 45.53 -34.29
N VAL G 10 58.20 46.32 -34.00
CA VAL G 10 58.30 47.77 -34.08
C VAL G 10 58.31 48.40 -32.69
N ASP G 11 59.41 49.06 -32.36
CA ASP G 11 59.56 49.69 -31.06
C ASP G 11 60.75 50.65 -31.16
N ASP G 12 60.56 51.86 -30.67
CA ASP G 12 61.62 52.86 -30.68
C ASP G 12 62.76 52.56 -29.69
N PHE G 13 62.51 51.66 -28.73
CA PHE G 13 63.49 51.29 -27.73
C PHE G 13 64.20 50.03 -28.22
N SER G 14 65.48 50.16 -28.58
CA SER G 14 66.23 49.00 -29.08
C SER G 14 66.15 47.84 -28.09
N THR G 15 66.31 48.14 -26.82
CA THR G 15 66.26 47.12 -25.78
C THR G 15 64.95 46.32 -25.85
N MET G 16 63.81 47.02 -25.84
CA MET G 16 62.53 46.32 -25.90
C MET G 16 62.47 45.42 -27.13
N ARG G 17 62.99 45.89 -28.26
CA ARG G 17 62.98 45.10 -29.48
C ARG G 17 63.79 43.82 -29.30
N ARG G 18 64.93 43.96 -28.66
CA ARG G 18 65.81 42.81 -28.42
C ARG G 18 65.10 41.77 -27.55
N ILE G 19 64.44 42.24 -26.50
CA ILE G 19 63.70 41.40 -25.57
C ILE G 19 62.62 40.61 -26.31
N VAL G 20 61.77 41.33 -27.03
CA VAL G 20 60.70 40.73 -27.81
C VAL G 20 61.25 39.74 -28.84
N ARG G 21 62.37 40.07 -29.47
CA ARG G 21 63.00 39.18 -30.43
C ARG G 21 63.43 37.87 -29.76
N ASN G 22 63.98 37.98 -28.56
CA ASN G 22 64.42 36.79 -27.85
C ASN G 22 63.27 35.97 -27.30
N LEU G 23 62.19 36.63 -26.89
CA LEU G 23 61.02 35.89 -26.38
C LEU G 23 60.43 35.14 -27.57
N LEU G 24 60.45 35.77 -28.74
CA LEU G 24 59.94 35.11 -29.94
C LEU G 24 60.85 33.94 -30.22
N LYS G 25 62.13 34.13 -29.97
CA LYS G 25 63.11 33.07 -30.17
C LYS G 25 62.77 31.88 -29.26
N GLU G 26 62.47 32.14 -28.00
CA GLU G 26 62.12 31.06 -27.07
C GLU G 26 60.95 30.23 -27.58
N LEU G 27 59.93 30.92 -28.08
CA LEU G 27 58.74 30.27 -28.59
C LEU G 27 59.00 29.53 -29.90
N GLY G 28 60.19 29.67 -30.45
CA GLY G 28 60.51 28.97 -31.69
C GLY G 28 60.54 29.78 -32.97
N PHE G 29 60.27 31.07 -32.88
CA PHE G 29 60.27 31.92 -34.07
C PHE G 29 61.59 32.65 -34.25
N ASN G 30 62.33 32.29 -35.30
CA ASN G 30 63.62 32.89 -35.56
C ASN G 30 63.64 33.93 -36.67
N ASN G 31 62.62 33.92 -37.52
CA ASN G 31 62.52 34.87 -38.64
C ASN G 31 61.90 36.16 -38.10
N VAL G 32 62.74 37.07 -37.60
CA VAL G 32 62.25 38.32 -37.03
C VAL G 32 63.02 39.53 -37.53
N GLU G 33 62.31 40.60 -37.90
CA GLU G 33 62.88 41.85 -38.40
C GLU G 33 62.60 42.96 -37.37
N GLU G 34 63.39 44.03 -37.37
CA GLU G 34 63.19 45.13 -36.42
C GLU G 34 62.92 46.49 -37.08
N ALA G 35 62.08 47.32 -36.46
CA ALA G 35 61.79 48.64 -37.00
C ALA G 35 61.74 49.64 -35.86
N GLU G 36 62.26 50.86 -36.09
CA GLU G 36 62.30 51.86 -35.05
C GLU G 36 61.06 52.72 -34.86
N ASP G 37 60.20 52.79 -35.86
CA ASP G 37 58.97 53.57 -35.77
C ASP G 37 58.03 53.20 -36.92
N GLY G 38 56.87 53.84 -36.98
CA GLY G 38 55.91 53.58 -38.04
C GLY G 38 56.49 53.71 -39.45
N VAL G 39 57.19 54.81 -39.71
CA VAL G 39 57.79 55.07 -41.01
C VAL G 39 58.78 53.96 -41.40
N ASP G 40 59.61 53.54 -40.44
CA ASP G 40 60.59 52.49 -40.72
C ASP G 40 59.84 51.18 -41.00
N ALA G 41 58.86 50.87 -40.17
CA ALA G 41 58.06 49.67 -40.31
C ALA G 41 57.40 49.58 -41.68
N LEU G 42 56.84 50.69 -42.15
CA LEU G 42 56.18 50.68 -43.45
C LEU G 42 57.16 50.41 -44.57
N ASN G 43 58.30 51.12 -44.58
CA ASN G 43 59.31 50.93 -45.62
C ASN G 43 59.67 49.46 -45.63
N LYS G 44 59.86 48.91 -44.42
CA LYS G 44 60.23 47.51 -44.24
C LYS G 44 59.17 46.58 -44.83
N LEU G 45 57.91 46.80 -44.45
CA LEU G 45 56.78 46.00 -44.92
C LEU G 45 56.61 46.04 -46.44
N GLN G 46 57.22 47.01 -47.11
CA GLN G 46 57.11 47.12 -48.56
C GLN G 46 57.71 45.93 -49.29
N ALA G 47 58.72 45.32 -48.69
CA ALA G 47 59.39 44.16 -49.28
C ALA G 47 58.45 42.95 -49.35
N GLY G 48 57.34 43.04 -48.62
CA GLY G 48 56.37 41.96 -48.58
C GLY G 48 56.88 40.76 -47.84
N GLY G 49 56.06 39.72 -47.76
CA GLY G 49 56.45 38.50 -47.07
C GLY G 49 56.20 38.40 -45.57
N TYR G 50 55.93 39.52 -44.91
CA TYR G 50 55.70 39.48 -43.46
C TYR G 50 54.40 38.78 -43.18
N GLY G 51 54.25 38.29 -41.95
CA GLY G 51 53.04 37.59 -41.57
C GLY G 51 52.48 38.00 -40.23
N PHE G 52 53.22 38.80 -39.48
CA PHE G 52 52.78 39.23 -38.16
C PHE G 52 53.54 40.47 -37.80
N VAL G 53 52.88 41.41 -37.15
CA VAL G 53 53.51 42.65 -36.72
C VAL G 53 53.25 42.84 -35.23
N ILE G 54 54.26 43.23 -34.49
CA ILE G 54 54.11 43.48 -33.07
C ILE G 54 54.52 44.94 -32.90
N SER G 55 53.53 45.81 -32.84
CA SER G 55 53.80 47.23 -32.74
C SER G 55 53.68 47.82 -31.36
N ASP G 56 54.62 48.67 -31.00
CA ASP G 56 54.59 49.35 -29.72
C ASP G 56 53.59 50.49 -29.87
N TRP G 57 53.08 50.97 -28.76
CA TRP G 57 52.10 52.05 -28.80
C TRP G 57 52.72 53.42 -29.15
N ASN G 58 53.49 54.00 -28.23
CA ASN G 58 54.13 55.31 -28.46
C ASN G 58 55.44 55.22 -29.24
N MET G 59 55.52 55.95 -30.35
CA MET G 59 56.71 55.98 -31.21
C MET G 59 56.79 57.26 -32.03
N PRO G 60 58.02 57.75 -32.30
CA PRO G 60 58.24 58.97 -33.08
C PRO G 60 57.75 58.88 -34.53
N ASN G 61 57.40 60.03 -35.09
CA ASN G 61 56.94 60.15 -36.47
C ASN G 61 55.56 59.55 -36.75
N MET G 62 55.40 58.27 -36.44
CA MET G 62 54.15 57.56 -36.63
C MET G 62 54.06 56.49 -35.54
N ASP G 63 53.01 56.59 -34.72
CA ASP G 63 52.81 55.64 -33.62
C ASP G 63 52.14 54.34 -34.01
N GLY G 64 52.01 53.45 -33.02
CA GLY G 64 51.41 52.16 -33.25
C GLY G 64 50.02 52.26 -33.83
N LEU G 65 49.18 53.09 -33.23
CA LEU G 65 47.80 53.25 -33.67
C LEU G 65 47.70 53.72 -35.11
N GLU G 66 48.56 54.67 -35.47
CA GLU G 66 48.58 55.21 -36.83
C GLU G 66 49.13 54.21 -37.82
N LEU G 67 50.10 53.42 -37.37
CA LEU G 67 50.69 52.40 -38.23
C LEU G 67 49.58 51.39 -38.52
N LEU G 68 48.91 50.94 -37.45
CA LEU G 68 47.82 49.99 -37.55
C LEU G 68 46.78 50.48 -38.54
N LYS G 69 46.27 51.68 -38.32
CA LYS G 69 45.27 52.25 -39.21
C LYS G 69 45.77 52.28 -40.65
N THR G 70 47.04 52.65 -40.84
CA THR G 70 47.62 52.70 -42.18
C THR G 70 47.70 51.31 -42.80
N ILE G 71 48.05 50.31 -42.01
CA ILE G 71 48.15 48.95 -42.51
C ILE G 71 46.77 48.47 -42.97
N ARG G 72 45.77 48.72 -42.12
CA ARG G 72 44.40 48.32 -42.40
C ARG G 72 43.82 49.00 -43.63
N ALA G 73 44.32 50.18 -43.93
CA ALA G 73 43.86 50.92 -45.08
C ALA G 73 44.57 50.48 -46.36
N ASP G 74 45.71 49.80 -46.21
CA ASP G 74 46.48 49.35 -47.36
C ASP G 74 45.88 48.16 -48.07
N GLY G 75 46.32 47.93 -49.30
CA GLY G 75 45.81 46.82 -50.08
C GLY G 75 46.20 45.45 -49.55
N ALA G 76 47.10 44.78 -50.26
CA ALA G 76 47.55 43.44 -49.89
C ALA G 76 47.85 43.18 -48.41
N MET G 77 48.40 44.16 -47.71
CA MET G 77 48.76 43.96 -46.30
C MET G 77 47.72 44.34 -45.25
N SER G 78 46.49 44.64 -45.66
CA SER G 78 45.46 45.00 -44.69
C SER G 78 45.06 43.81 -43.81
N ALA G 79 45.33 42.60 -44.28
CA ALA G 79 44.97 41.40 -43.53
C ALA G 79 46.07 40.96 -42.55
N LEU G 80 47.04 41.84 -42.29
CA LEU G 80 48.13 41.50 -41.40
C LEU G 80 47.79 41.48 -39.93
N PRO G 81 48.20 40.42 -39.22
CA PRO G 81 47.92 40.34 -37.80
C PRO G 81 48.81 41.40 -37.14
N VAL G 82 48.25 42.19 -36.23
CA VAL G 82 49.00 43.22 -35.52
C VAL G 82 48.77 43.07 -34.02
N LEU G 83 49.82 42.90 -33.25
CA LEU G 83 49.70 42.79 -31.80
C LEU G 83 50.22 44.12 -31.26
N MET G 84 49.35 44.90 -30.61
CA MET G 84 49.75 46.17 -30.06
C MET G 84 50.34 45.95 -28.68
N VAL G 85 51.50 46.53 -28.42
CA VAL G 85 52.12 46.40 -27.13
C VAL G 85 51.89 47.74 -26.47
N THR G 86 51.30 47.73 -25.29
CA THR G 86 51.02 48.97 -24.59
C THR G 86 51.70 48.97 -23.23
N ALA G 87 51.92 50.16 -22.69
CA ALA G 87 52.58 50.30 -21.39
C ALA G 87 51.65 50.05 -20.22
N GLU G 88 50.40 50.48 -20.37
CA GLU G 88 49.41 50.29 -19.31
C GLU G 88 48.07 49.93 -19.93
N ALA G 89 47.34 49.03 -19.28
CA ALA G 89 46.04 48.61 -19.78
C ALA G 89 44.98 49.69 -19.57
N LYS G 90 45.08 50.75 -20.35
CA LYS G 90 44.14 51.85 -20.29
C LYS G 90 42.91 51.57 -21.13
N LYS G 91 41.75 51.91 -20.59
CA LYS G 91 40.48 51.74 -21.27
C LYS G 91 40.52 52.39 -22.65
N GLU G 92 40.92 53.66 -22.70
CA GLU G 92 41.00 54.42 -23.95
C GLU G 92 41.81 53.70 -25.01
N ASN G 93 43.02 53.29 -24.65
CA ASN G 93 43.91 52.59 -25.57
C ASN G 93 43.31 51.30 -26.10
N ILE G 94 42.94 50.42 -25.17
CA ILE G 94 42.36 49.13 -25.51
C ILE G 94 41.18 49.27 -26.47
N ILE G 95 40.27 50.19 -26.17
CA ILE G 95 39.10 50.43 -27.03
C ILE G 95 39.58 50.89 -28.40
N ALA G 96 40.39 51.93 -28.41
CA ALA G 96 40.93 52.51 -29.64
C ALA G 96 41.63 51.46 -30.49
N ALA G 97 42.38 50.58 -29.82
CA ALA G 97 43.11 49.51 -30.48
C ALA G 97 42.13 48.58 -31.17
N ALA G 98 41.10 48.18 -30.44
CA ALA G 98 40.09 47.28 -30.96
C ALA G 98 39.33 47.93 -32.11
N GLN G 99 38.95 49.20 -31.96
CA GLN G 99 38.22 49.90 -33.01
C GLN G 99 39.06 49.99 -34.28
N ALA G 100 40.36 50.25 -34.10
CA ALA G 100 41.29 50.39 -35.21
C ALA G 100 41.50 49.13 -36.02
N GLY G 101 41.32 47.97 -35.40
CA GLY G 101 41.49 46.73 -36.12
C GLY G 101 42.68 45.88 -35.67
N ALA G 102 43.19 46.15 -34.47
CA ALA G 102 44.31 45.40 -33.91
C ALA G 102 43.89 43.94 -33.73
N SER G 103 44.85 43.03 -33.82
CA SER G 103 44.52 41.62 -33.63
C SER G 103 44.58 41.21 -32.16
N GLY G 104 45.02 42.14 -31.30
CA GLY G 104 45.10 41.85 -29.88
C GLY G 104 46.00 42.88 -29.24
N TYR G 105 46.19 42.80 -27.93
CA TYR G 105 47.07 43.75 -27.26
C TYR G 105 47.78 43.05 -26.11
N VAL G 106 48.92 43.60 -25.70
CA VAL G 106 49.67 43.00 -24.61
C VAL G 106 50.41 44.10 -23.88
N VAL G 107 50.25 44.12 -22.57
CA VAL G 107 50.89 45.11 -21.73
C VAL G 107 52.29 44.63 -21.43
N LYS G 108 53.24 45.57 -21.38
CA LYS G 108 54.62 45.22 -21.09
C LYS G 108 54.95 45.63 -19.66
N PRO G 109 55.88 44.93 -19.00
CA PRO G 109 56.61 43.79 -19.58
C PRO G 109 55.77 42.51 -19.47
N PHE G 110 55.96 41.62 -20.43
CA PHE G 110 55.24 40.35 -20.47
C PHE G 110 56.25 39.22 -20.61
N THR G 111 55.91 38.07 -20.06
CA THR G 111 56.78 36.91 -20.11
C THR G 111 56.57 36.13 -21.42
N ALA G 112 57.51 35.25 -21.73
CA ALA G 112 57.39 34.44 -22.94
C ALA G 112 56.04 33.74 -22.93
N ALA G 113 55.65 33.26 -21.75
CA ALA G 113 54.38 32.56 -21.56
C ALA G 113 53.19 33.43 -22.00
N THR G 114 53.20 34.70 -21.59
CA THR G 114 52.13 35.61 -21.96
C THR G 114 52.12 35.84 -23.46
N LEU G 115 53.31 36.05 -24.04
CA LEU G 115 53.41 36.28 -25.48
C LEU G 115 52.81 35.09 -26.23
N GLU G 116 53.15 33.88 -25.80
CA GLU G 116 52.65 32.69 -26.44
C GLU G 116 51.13 32.65 -26.42
N GLU G 117 50.53 32.88 -25.26
CA GLU G 117 49.07 32.89 -25.13
C GLU G 117 48.46 33.81 -26.19
N LYS G 118 48.90 35.07 -26.19
CA LYS G 118 48.41 36.07 -27.14
C LYS G 118 48.61 35.61 -28.60
N LEU G 119 49.80 35.14 -28.93
CA LEU G 119 50.08 34.69 -30.28
C LEU G 119 49.12 33.56 -30.66
N ASN G 120 49.07 32.52 -29.83
CA ASN G 120 48.23 31.36 -30.11
C ASN G 120 46.77 31.70 -30.35
N LYS G 121 46.23 32.60 -29.55
CA LYS G 121 44.84 33.01 -29.73
C LYS G 121 44.67 33.68 -31.09
N ILE G 122 45.62 34.52 -31.47
CA ILE G 122 45.53 35.20 -32.76
C ILE G 122 45.60 34.19 -33.89
N PHE G 123 46.52 33.23 -33.77
CA PHE G 123 46.67 32.20 -34.79
C PHE G 123 45.40 31.39 -34.88
N GLU G 124 44.87 31.02 -33.72
CA GLU G 124 43.64 30.25 -33.61
C GLU G 124 42.49 31.00 -34.29
N LYS G 125 42.31 32.25 -33.92
CA LYS G 125 41.26 33.10 -34.46
C LYS G 125 41.42 33.33 -35.97
N LEU G 126 42.58 33.00 -36.52
CA LEU G 126 42.83 33.18 -37.96
C LEU G 126 43.00 31.86 -38.68
N GLY G 127 42.88 30.75 -37.96
CA GLY G 127 43.06 29.43 -38.57
C GLY G 127 44.41 29.44 -39.24
N MET G 128 45.43 29.79 -38.45
CA MET G 128 46.79 29.92 -38.94
C MET G 128 47.71 28.85 -38.34
N ARG H 37 21.72 47.35 -17.50
CA ARG H 37 22.21 46.41 -18.55
C ARG H 37 23.15 45.35 -17.99
N ARG H 38 22.94 44.10 -18.37
CA ARG H 38 23.81 43.02 -17.91
C ARG H 38 24.28 42.22 -19.11
N ILE H 39 25.53 41.76 -19.02
CA ILE H 39 26.13 41.01 -20.11
C ILE H 39 26.26 39.55 -19.72
N ILE H 40 26.04 38.66 -20.69
CA ILE H 40 26.11 37.24 -20.47
C ILE H 40 26.99 36.60 -21.53
N LEU H 41 28.11 36.04 -21.08
CA LEU H 41 29.07 35.37 -21.96
C LEU H 41 28.92 33.87 -21.83
N SER H 42 28.72 33.19 -22.96
CA SER H 42 28.53 31.75 -22.99
C SER H 42 29.63 31.01 -23.74
N ARG H 43 29.76 29.71 -23.45
CA ARG H 43 30.73 28.84 -24.08
C ARG H 43 32.21 29.21 -23.89
N LEU H 44 32.54 29.78 -22.73
CA LEU H 44 33.92 30.16 -22.45
C LEU H 44 34.77 28.91 -22.20
N LYS H 45 35.93 28.86 -22.83
CA LYS H 45 36.84 27.73 -22.66
C LYS H 45 37.45 27.70 -21.27
N ALA H 46 38.28 26.69 -21.02
CA ALA H 46 38.93 26.53 -19.72
C ALA H 46 39.70 27.79 -19.34
N GLY H 47 39.45 28.30 -18.13
CA GLY H 47 40.14 29.49 -17.65
C GLY H 47 39.70 30.79 -18.29
N GLU H 48 39.18 30.69 -19.51
CA GLU H 48 38.68 31.82 -20.28
C GLU H 48 37.69 32.69 -19.49
N VAL H 49 37.20 32.19 -18.37
CA VAL H 49 36.27 32.93 -17.55
C VAL H 49 36.97 34.06 -16.78
N ASP H 50 37.90 33.70 -15.90
CA ASP H 50 38.62 34.72 -15.13
C ASP H 50 39.30 35.70 -16.07
N LEU H 51 39.76 35.19 -17.19
CA LEU H 51 40.43 35.99 -18.20
C LEU H 51 39.50 37.12 -18.68
N LEU H 52 38.27 36.78 -19.03
CA LEU H 52 37.31 37.77 -19.51
C LEU H 52 36.85 38.71 -18.40
N GLU H 53 37.00 38.27 -17.16
CA GLU H 53 36.64 39.10 -16.03
C GLU H 53 37.68 40.22 -15.97
N GLU H 54 38.96 39.85 -15.97
CA GLU H 54 40.05 40.83 -15.93
C GLU H 54 39.85 41.87 -17.03
N GLU H 55 39.55 41.37 -18.24
CA GLU H 55 39.31 42.22 -19.40
C GLU H 55 38.25 43.27 -19.17
N LEU H 56 37.05 42.83 -18.79
CA LEU H 56 35.97 43.76 -18.54
C LEU H 56 36.37 44.73 -17.45
N GLY H 57 37.24 44.28 -16.55
CA GLY H 57 37.72 45.11 -15.46
C GLY H 57 38.49 46.33 -15.93
N HIS H 58 39.14 46.24 -17.08
CA HIS H 58 39.92 47.36 -17.61
C HIS H 58 38.99 48.37 -18.26
N LEU H 59 37.81 47.92 -18.68
CA LEU H 59 36.85 48.79 -19.36
C LEU H 59 35.84 49.45 -18.45
N THR H 60 35.42 48.75 -17.41
CA THR H 60 34.40 49.31 -16.54
C THR H 60 34.35 48.55 -15.21
N THR H 61 33.43 48.94 -14.34
CA THR H 61 33.28 48.28 -13.04
C THR H 61 32.11 47.32 -13.12
N LEU H 62 32.32 46.09 -12.67
CA LEU H 62 31.28 45.07 -12.70
C LEU H 62 30.68 44.77 -11.33
N THR H 63 29.37 44.65 -11.29
CA THR H 63 28.66 44.35 -10.05
C THR H 63 27.81 43.12 -10.29
N ASP H 64 27.68 42.28 -9.26
CA ASP H 64 26.88 41.08 -9.33
C ASP H 64 27.44 40.18 -10.43
N VAL H 65 28.67 39.74 -10.24
CA VAL H 65 29.34 38.89 -11.21
C VAL H 65 29.06 37.43 -10.88
N VAL H 66 28.90 36.62 -11.92
CA VAL H 66 28.64 35.20 -11.74
C VAL H 66 29.60 34.43 -12.64
N LYS H 67 30.44 33.60 -12.02
CA LYS H 67 31.42 32.79 -12.75
C LYS H 67 31.03 31.34 -12.93
N GLY H 68 30.57 31.00 -14.14
CA GLY H 68 30.19 29.63 -14.42
C GLY H 68 31.38 28.83 -14.91
N ALA H 69 31.17 27.55 -15.16
CA ALA H 69 32.24 26.70 -15.64
C ALA H 69 32.57 27.01 -17.09
N ASP H 70 31.65 27.71 -17.75
CA ASP H 70 31.79 28.07 -19.15
C ASP H 70 30.94 29.30 -19.47
N SER H 71 30.75 30.15 -18.47
CA SER H 71 29.94 31.34 -18.65
C SER H 71 30.29 32.40 -17.62
N LEU H 72 29.87 33.63 -17.90
CA LEU H 72 30.12 34.74 -17.02
C LEU H 72 29.03 35.75 -17.29
N SER H 73 28.51 36.34 -16.22
CA SER H 73 27.47 37.34 -16.37
C SER H 73 27.75 38.37 -15.30
N ALA H 74 27.26 39.58 -15.52
CA ALA H 74 27.44 40.67 -14.57
C ALA H 74 26.64 41.90 -14.99
N ILE H 75 26.45 42.80 -14.03
CA ILE H 75 25.73 44.04 -14.29
C ILE H 75 26.76 45.14 -14.44
N LEU H 76 26.65 45.87 -15.53
CA LEU H 76 27.57 46.95 -15.83
C LEU H 76 26.84 48.30 -15.94
N PRO H 77 27.48 49.37 -15.43
CA PRO H 77 26.94 50.73 -15.45
C PRO H 77 26.74 51.19 -16.89
N GLY H 78 26.05 52.31 -17.07
CA GLY H 78 25.82 52.81 -18.42
C GLY H 78 26.91 53.71 -18.98
N ASP H 79 28.18 53.32 -18.84
CA ASP H 79 29.27 54.15 -19.37
C ASP H 79 29.80 53.72 -20.74
N ILE H 80 30.34 52.51 -20.85
CA ILE H 80 30.87 52.04 -22.12
C ILE H 80 29.75 51.55 -23.04
N ALA H 81 29.91 51.75 -24.34
CA ALA H 81 28.90 51.30 -25.30
C ALA H 81 29.02 49.80 -25.54
N GLU H 82 27.93 49.19 -25.99
CA GLU H 82 27.90 47.77 -26.29
C GLU H 82 28.98 47.43 -27.30
N ASP H 83 29.01 48.18 -28.39
CA ASP H 83 29.99 47.98 -29.44
C ASP H 83 31.42 47.98 -28.92
N ASP H 84 31.76 48.97 -28.11
CA ASP H 84 33.11 49.08 -27.57
C ASP H 84 33.49 47.83 -26.80
N ILE H 85 32.61 47.39 -25.90
CA ILE H 85 32.87 46.19 -25.10
C ILE H 85 33.01 44.97 -26.01
N THR H 86 32.10 44.84 -26.97
CA THR H 86 32.13 43.73 -27.89
C THR H 86 33.43 43.67 -28.67
N ALA H 87 33.83 44.82 -29.23
CA ALA H 87 35.05 44.92 -30.02
C ALA H 87 36.26 44.44 -29.25
N VAL H 88 36.45 44.91 -28.02
CA VAL H 88 37.59 44.46 -27.25
C VAL H 88 37.41 43.03 -26.77
N LEU H 89 36.17 42.62 -26.55
CA LEU H 89 35.93 41.25 -26.10
C LEU H 89 36.22 40.30 -27.23
N CYS H 90 36.04 40.76 -28.46
CA CYS H 90 36.30 39.94 -29.63
C CYS H 90 37.78 39.71 -29.89
N PHE H 91 38.63 40.25 -29.02
CA PHE H 91 40.06 40.02 -29.12
C PHE H 91 40.21 38.54 -28.69
N VAL H 92 39.31 38.10 -27.82
CA VAL H 92 39.34 36.74 -27.31
C VAL H 92 38.22 35.82 -27.82
N ILE H 93 36.95 36.21 -27.59
CA ILE H 93 35.84 35.36 -28.01
C ILE H 93 35.19 35.80 -29.32
N GLU H 94 34.11 35.14 -29.70
CA GLU H 94 33.37 35.47 -30.92
C GLU H 94 32.13 36.28 -30.57
N ALA H 95 31.72 37.18 -31.46
CA ALA H 95 30.56 38.05 -31.23
C ALA H 95 29.26 37.37 -30.74
N ASP H 96 28.96 36.18 -31.25
CA ASP H 96 27.74 35.47 -30.85
C ASP H 96 27.77 34.87 -29.44
N GLN H 97 28.83 35.10 -28.68
CA GLN H 97 28.92 34.58 -27.33
C GLN H 97 28.64 35.72 -26.36
N ILE H 98 28.21 36.86 -26.88
CA ILE H 98 27.92 38.01 -26.05
C ILE H 98 26.47 38.45 -26.16
N THR H 99 25.80 38.54 -25.02
CA THR H 99 24.41 38.96 -24.97
C THR H 99 24.25 40.02 -23.87
N PHE H 100 23.57 41.10 -24.22
CA PHE H 100 23.32 42.16 -23.25
C PHE H 100 21.81 42.15 -23.10
N GLU H 101 21.32 42.20 -21.88
CA GLU H 101 19.88 42.23 -21.65
C GLU H 101 19.61 43.34 -20.67
N THR H 102 18.44 43.95 -20.78
CA THR H 102 18.05 45.05 -19.91
C THR H 102 17.64 44.57 -18.53
N VAL H 103 18.23 45.20 -17.51
CA VAL H 103 17.96 44.93 -16.11
C VAL H 103 18.55 46.09 -15.31
MN MN I . -61.07 -43.41 23.08
MN MN J . 2.15 15.72 42.07
MN MN K . 0.91 -19.80 -32.00
MN MN L . 57.84 53.67 -27.20
#